data_6NPA
#
_entry.id   6NPA
#
_cell.length_a   70.110
_cell.length_b   151.322
_cell.length_c   135.833
_cell.angle_alpha   90.000
_cell.angle_beta   90.000
_cell.angle_gamma   90.000
#
_symmetry.space_group_name_H-M   'C 2 2 21'
#
loop_
_entity.id
_entity.type
_entity.pdbx_description
1 polymer 'TmpB, (R)-1-hydroxy-2-trimethylaminoethylphosphonate oxygenase'
2 non-polymer 'FE (III) ION'
3 non-polymer 'FE (II) ION'
4 non-polymer (2R)-2-hydroxy-N,N,N-trimethyl-2-phosphonoethan-1-aminium
5 water water
#
_entity_poly.entity_id   1
_entity_poly.type   'polypeptide(L)'
_entity_poly.pdbx_seq_one_letter_code
;HHHHHHMSKPDVSKLNRGNIVEFIGGIFDRRGDEEYLGEPVTMAEHMLQGATIAEQNGQPEEIIVGALLHDIGHFTSEFG
MFSMDDTEDRYHEEAGAEVLEQFFPSVITDCVRYHVAAKRYLCATKPEYFNRLSEASIHSLKLQGGPMDAEEVAEFEKNP
NLKQIIAVRYLDEAGKRADMETPDYWHFAPMVQRMVDKHMGA
;
_entity_poly.pdbx_strand_id   A,B,C,D
#
# COMPACT_ATOMS: atom_id res chain seq x y z
N LYS A 14 -9.66 -11.28 -5.84
CA LYS A 14 -9.60 -10.01 -5.06
C LYS A 14 -8.62 -9.02 -5.69
N LEU A 15 -9.12 -7.84 -6.02
CA LEU A 15 -8.32 -6.82 -6.70
C LEU A 15 -7.85 -5.76 -5.73
N ASN A 16 -6.60 -5.35 -5.90
CA ASN A 16 -5.99 -4.35 -5.07
C ASN A 16 -4.92 -3.63 -5.86
N ARG A 17 -4.28 -2.65 -5.21
CA ARG A 17 -3.18 -1.90 -5.81
C ARG A 17 -2.07 -2.78 -6.40
N GLY A 18 -1.90 -3.98 -5.84
CA GLY A 18 -0.84 -4.89 -6.21
C GLY A 18 -1.09 -5.75 -7.43
N ASN A 19 -2.36 -5.87 -7.87
CA ASN A 19 -2.67 -6.66 -9.07
C ASN A 19 -3.62 -6.02 -10.09
N ILE A 20 -4.01 -4.76 -9.89
CA ILE A 20 -4.96 -4.13 -10.82
C ILE A 20 -4.32 -3.92 -12.20
N VAL A 21 -3.04 -3.59 -12.23
CA VAL A 21 -2.38 -3.32 -13.51
C VAL A 21 -2.30 -4.59 -14.36
N GLU A 22 -1.99 -5.71 -13.70
CA GLU A 22 -1.96 -7.02 -14.33
C GLU A 22 -3.35 -7.46 -14.80
N PHE A 23 -4.38 -7.17 -13.99
CA PHE A 23 -5.75 -7.49 -14.34
C PHE A 23 -6.15 -6.77 -15.64
N ILE A 24 -5.85 -5.48 -15.71
CA ILE A 24 -6.21 -4.69 -16.88
C ILE A 24 -5.40 -5.17 -18.08
N GLY A 25 -4.12 -5.47 -17.86
CA GLY A 25 -3.27 -6.05 -18.90
C GLY A 25 -3.82 -7.35 -19.47
N GLY A 26 -4.38 -8.19 -18.62
CA GLY A 26 -5.04 -9.42 -19.05
C GLY A 26 -6.21 -9.15 -19.99
N ILE A 27 -6.98 -8.10 -19.68
CA ILE A 27 -8.10 -7.67 -20.55
C ILE A 27 -7.55 -7.24 -21.91
N PHE A 28 -6.48 -6.44 -21.93
CA PHE A 28 -5.86 -6.07 -23.19
C PHE A 28 -5.39 -7.31 -23.96
N ASP A 29 -4.76 -8.25 -23.25
CA ASP A 29 -4.25 -9.48 -23.89
C ASP A 29 -5.38 -10.34 -24.48
N ARG A 30 -6.48 -10.49 -23.73
CA ARG A 30 -7.57 -11.41 -24.09
C ARG A 30 -8.64 -10.78 -24.99
N ARG A 31 -8.91 -9.50 -24.80
CA ARG A 31 -10.03 -8.83 -25.46
C ARG A 31 -9.62 -7.75 -26.47
N GLY A 32 -8.35 -7.34 -26.44
CA GLY A 32 -7.89 -6.19 -27.23
C GLY A 32 -7.97 -6.32 -28.74
N ASP A 33 -7.99 -7.56 -29.23
CA ASP A 33 -8.08 -7.83 -30.66
C ASP A 33 -9.49 -7.64 -31.22
N GLU A 34 -10.47 -7.44 -30.36
CA GLU A 34 -11.85 -7.27 -30.79
C GLU A 34 -12.04 -5.89 -31.42
N GLU A 35 -13.12 -5.75 -32.19
CA GLU A 35 -13.31 -4.59 -33.04
C GLU A 35 -13.78 -3.39 -32.22
N TYR A 36 -13.24 -2.20 -32.52
CA TYR A 36 -13.81 -0.96 -31.98
C TYR A 36 -14.89 -0.55 -32.97
N LEU A 37 -16.15 -0.73 -32.59
CA LEU A 37 -17.25 -0.83 -33.56
C LEU A 37 -17.39 0.39 -34.45
N GLY A 38 -17.44 0.14 -35.76
CA GLY A 38 -17.60 1.19 -36.76
C GLY A 38 -16.32 1.95 -37.11
N GLU A 39 -15.17 1.48 -36.61
CA GLU A 39 -13.90 2.20 -36.80
C GLU A 39 -12.84 1.24 -37.32
N PRO A 40 -11.78 1.76 -37.96
CA PRO A 40 -10.74 0.88 -38.50
C PRO A 40 -9.63 0.53 -37.51
N VAL A 41 -9.99 0.32 -36.24
CA VAL A 41 -9.03 -0.06 -35.21
C VAL A 41 -9.65 -1.12 -34.31
N THR A 42 -8.80 -1.93 -33.67
CA THR A 42 -9.24 -2.83 -32.62
C THR A 42 -9.35 -2.03 -31.32
N MET A 43 -9.93 -2.66 -30.32
CA MET A 43 -10.07 -2.03 -29.00
C MET A 43 -8.69 -1.61 -28.46
N ALA A 44 -7.71 -2.51 -28.56
CA ALA A 44 -6.36 -2.22 -28.04
C ALA A 44 -5.67 -1.14 -28.88
N GLU A 45 -5.75 -1.26 -30.20
CA GLU A 45 -5.17 -0.24 -31.07
C GLU A 45 -5.72 1.15 -30.74
N HIS A 46 -7.03 1.21 -30.53
CA HIS A 46 -7.69 2.46 -30.21
C HIS A 46 -7.13 3.12 -28.95
N MET A 47 -7.10 2.37 -27.86
CA MET A 47 -6.62 2.91 -26.59
C MET A 47 -5.11 3.13 -26.59
N LEU A 48 -4.35 2.23 -27.23
CA LEU A 48 -2.90 2.41 -27.35
C LEU A 48 -2.53 3.61 -28.22
N GLN A 49 -3.29 3.86 -29.29
CA GLN A 49 -3.05 5.04 -30.11
C GLN A 49 -3.27 6.33 -29.31
N GLY A 50 -4.34 6.36 -28.53
CA GLY A 50 -4.60 7.51 -27.66
C GLY A 50 -3.45 7.77 -26.71
N ALA A 51 -2.97 6.71 -26.05
CA ALA A 51 -1.86 6.81 -25.11
C ALA A 51 -0.57 7.25 -25.77
N THR A 52 -0.31 6.70 -26.96
CA THR A 52 0.95 6.97 -27.68
C THR A 52 0.99 8.38 -28.26
N ILE A 53 -0.12 8.83 -28.83
CA ILE A 53 -0.23 10.20 -29.32
C ILE A 53 0.02 11.17 -28.16
N ALA A 54 -0.57 10.88 -27.01
CA ALA A 54 -0.37 11.70 -25.81
C ALA A 54 1.08 11.70 -25.38
N GLU A 55 1.69 10.53 -25.30
CA GLU A 55 3.09 10.43 -24.90
C GLU A 55 4.02 11.15 -25.87
N GLN A 56 3.81 10.95 -27.17
CA GLN A 56 4.62 11.59 -28.19
C GLN A 56 4.53 13.12 -28.16
N ASN A 57 3.38 13.65 -27.73
CA ASN A 57 3.15 15.09 -27.67
C ASN A 57 3.48 15.72 -26.32
N GLY A 58 4.06 14.95 -25.40
CA GLY A 58 4.53 15.50 -24.14
C GLY A 58 3.44 15.68 -23.10
N GLN A 59 2.31 15.01 -23.28
CA GLN A 59 1.23 15.08 -22.30
C GLN A 59 1.67 14.41 -20.99
N PRO A 60 1.12 14.88 -19.85
CA PRO A 60 1.42 14.27 -18.56
C PRO A 60 0.85 12.86 -18.44
N GLU A 61 1.39 12.10 -17.49
CA GLU A 61 1.06 10.68 -17.36
C GLU A 61 -0.42 10.45 -17.04
N GLU A 62 -1.04 11.36 -16.31
CA GLU A 62 -2.45 11.24 -16.01
C GLU A 62 -3.29 11.21 -17.30
N ILE A 63 -2.94 12.04 -18.27
CA ILE A 63 -3.65 12.09 -19.56
C ILE A 63 -3.32 10.87 -20.42
N ILE A 64 -2.06 10.45 -20.43
CA ILE A 64 -1.65 9.26 -21.18
C ILE A 64 -2.47 8.06 -20.69
N VAL A 65 -2.49 7.86 -19.39
CA VAL A 65 -3.19 6.72 -18.77
C VAL A 65 -4.70 6.87 -18.89
N GLY A 66 -5.22 8.09 -18.77
CA GLY A 66 -6.65 8.32 -19.01
C GLY A 66 -7.06 7.86 -20.40
N ALA A 67 -6.28 8.24 -21.41
CA ALA A 67 -6.55 7.81 -22.79
C ALA A 67 -6.42 6.30 -22.94
N LEU A 68 -5.39 5.75 -22.33
CA LEU A 68 -5.13 4.31 -22.37
C LEU A 68 -6.31 3.51 -21.85
N LEU A 69 -7.00 4.00 -20.83
CA LEU A 69 -8.02 3.20 -20.17
C LEU A 69 -9.46 3.61 -20.46
N HIS A 70 -9.68 4.61 -21.30
CA HIS A 70 -11.01 5.25 -21.32
C HIS A 70 -12.15 4.35 -21.79
N ASP A 71 -11.83 3.29 -22.54
CA ASP A 71 -12.87 2.40 -23.07
C ASP A 71 -12.89 0.98 -22.46
N ILE A 72 -12.18 0.75 -21.36
CA ILE A 72 -12.18 -0.57 -20.74
C ILE A 72 -13.57 -1.01 -20.25
N GLY A 73 -14.47 -0.05 -20.03
CA GLY A 73 -15.82 -0.36 -19.55
C GLY A 73 -16.73 -1.02 -20.56
N HIS A 74 -16.31 -1.11 -21.82
CA HIS A 74 -17.05 -1.87 -22.82
C HIS A 74 -17.14 -3.36 -22.44
N PHE A 75 -16.11 -3.86 -21.76
CA PHE A 75 -15.95 -5.30 -21.48
C PHE A 75 -16.66 -5.68 -20.17
N THR A 76 -17.98 -5.51 -20.13
CA THR A 76 -18.71 -5.60 -18.86
C THR A 76 -18.69 -6.98 -18.19
N SER A 77 -18.54 -8.06 -18.98
CA SER A 77 -18.48 -9.41 -18.41
C SER A 77 -17.18 -9.69 -17.65
N GLU A 78 -16.22 -8.76 -17.73
CA GLU A 78 -14.95 -8.87 -17.01
C GLU A 78 -15.04 -8.39 -15.56
N PHE A 79 -16.11 -7.67 -15.22
CA PHE A 79 -16.16 -6.91 -13.97
C PHE A 79 -17.15 -7.46 -12.93
N GLY A 80 -17.38 -8.77 -12.97
CA GLY A 80 -18.31 -9.42 -12.03
C GLY A 80 -18.00 -9.15 -10.57
N MET A 81 -16.72 -9.03 -10.23
CA MET A 81 -16.28 -8.75 -8.87
C MET A 81 -16.61 -7.33 -8.37
N PHE A 82 -17.05 -6.44 -9.27
CA PHE A 82 -17.43 -5.08 -8.88
C PHE A 82 -18.92 -4.93 -8.56
N SER A 83 -19.72 -5.98 -8.81
CA SER A 83 -21.15 -6.00 -8.43
C SER A 83 -21.91 -4.76 -8.88
N MET A 84 -21.85 -4.46 -10.17
CA MET A 84 -22.47 -3.27 -10.71
C MET A 84 -23.92 -3.52 -11.10
N ASP A 85 -24.76 -2.50 -10.89
CA ASP A 85 -26.18 -2.56 -11.26
C ASP A 85 -26.37 -2.46 -12.78
N ASP A 86 -27.62 -2.55 -13.23
CA ASP A 86 -27.95 -2.54 -14.66
C ASP A 86 -27.65 -1.20 -15.34
N THR A 87 -27.77 -0.09 -14.61
CA THR A 87 -27.44 1.23 -15.14
C THR A 87 -25.93 1.39 -15.32
N GLU A 88 -25.16 1.01 -14.31
CA GLU A 88 -23.70 0.96 -14.40
C GLU A 88 -23.29 -0.31 -15.15
N ASP A 89 -23.46 -0.27 -16.47
CA ASP A 89 -23.28 -1.44 -17.34
C ASP A 89 -23.72 -1.04 -18.74
N ARG A 90 -24.90 -0.45 -18.83
CA ARG A 90 -25.39 0.11 -20.08
C ARG A 90 -24.42 1.14 -20.65
N TYR A 91 -23.80 1.94 -19.77
CA TYR A 91 -22.88 2.99 -20.19
C TYR A 91 -21.43 2.64 -19.90
N HIS A 92 -20.66 2.35 -20.95
CA HIS A 92 -19.25 1.99 -20.79
C HIS A 92 -18.40 3.05 -20.09
N GLU A 93 -18.71 4.34 -20.28
CA GLU A 93 -17.96 5.39 -19.61
C GLU A 93 -18.13 5.27 -18.09
N GLU A 94 -19.35 4.93 -17.67
CA GLU A 94 -19.65 4.78 -16.26
C GLU A 94 -19.04 3.51 -15.68
N ALA A 95 -19.24 2.38 -16.37
CA ALA A 95 -18.68 1.11 -15.93
C ALA A 95 -17.16 1.18 -15.79
N GLY A 96 -16.50 1.80 -16.77
CA GLY A 96 -15.05 2.00 -16.70
C GLY A 96 -14.61 2.80 -15.49
N ALA A 97 -15.29 3.91 -15.23
CA ALA A 97 -14.96 4.73 -14.08
C ALA A 97 -15.21 4.02 -12.73
N GLU A 98 -16.27 3.22 -12.67
CA GLU A 98 -16.57 2.47 -11.44
C GLU A 98 -15.48 1.46 -11.13
N VAL A 99 -14.93 0.84 -12.17
CA VAL A 99 -13.79 -0.06 -12.02
C VAL A 99 -12.56 0.70 -11.51
N LEU A 100 -12.27 1.85 -12.11
CA LEU A 100 -11.02 2.54 -11.87
C LEU A 100 -11.00 3.31 -10.56
N GLU A 101 -12.16 3.75 -10.08
CA GLU A 101 -12.19 4.68 -8.95
C GLU A 101 -11.60 4.13 -7.64
N GLN A 102 -11.55 2.81 -7.51
CA GLN A 102 -10.95 2.18 -6.34
C GLN A 102 -9.42 2.21 -6.33
N PHE A 103 -8.81 2.43 -7.50
CA PHE A 103 -7.35 2.32 -7.63
C PHE A 103 -6.61 3.54 -8.17
N PHE A 104 -7.32 4.44 -8.84
CA PHE A 104 -6.66 5.51 -9.61
C PHE A 104 -6.97 6.90 -9.06
N PRO A 105 -6.10 7.88 -9.34
CA PRO A 105 -6.39 9.27 -9.05
C PRO A 105 -7.73 9.71 -9.66
N SER A 106 -8.45 10.58 -8.95
CA SER A 106 -9.75 11.06 -9.45
C SER A 106 -9.64 11.75 -10.81
N VAL A 107 -8.52 12.40 -11.10
CA VAL A 107 -8.32 12.97 -12.44
C VAL A 107 -8.47 11.91 -13.55
N ILE A 108 -7.90 10.73 -13.34
CA ILE A 108 -7.96 9.67 -14.35
C ILE A 108 -9.36 9.08 -14.40
N THR A 109 -9.92 8.78 -13.24
CA THR A 109 -11.29 8.31 -13.14
C THR A 109 -12.25 9.26 -13.89
N ASP A 110 -12.07 10.56 -13.71
CA ASP A 110 -12.91 11.58 -14.35
C ASP A 110 -12.73 11.60 -15.87
N CYS A 111 -11.49 11.52 -16.33
CA CYS A 111 -11.23 11.42 -17.77
C CYS A 111 -12.02 10.28 -18.43
N VAL A 112 -12.11 9.14 -17.75
CA VAL A 112 -12.87 8.01 -18.26
C VAL A 112 -14.38 8.26 -18.12
N ARG A 113 -14.81 8.60 -16.91
CA ARG A 113 -16.24 8.79 -16.63
C ARG A 113 -16.92 9.82 -17.53
N TYR A 114 -16.21 10.90 -17.85
CA TYR A 114 -16.79 12.04 -18.55
C TYR A 114 -16.40 12.17 -20.03
N HIS A 115 -15.84 11.11 -20.61
CA HIS A 115 -15.39 11.17 -22.01
C HIS A 115 -16.52 11.23 -23.03
N VAL A 116 -17.70 10.74 -22.70
CA VAL A 116 -18.88 10.90 -23.55
C VAL A 116 -19.47 12.31 -23.36
N ALA A 117 -19.57 12.76 -22.11
CA ALA A 117 -20.04 14.11 -21.83
C ALA A 117 -19.16 15.14 -22.55
N ALA A 118 -17.86 14.88 -22.60
CA ALA A 118 -16.92 15.78 -23.28
C ALA A 118 -17.29 16.00 -24.74
N LYS A 119 -17.72 14.93 -25.42
CA LYS A 119 -18.16 15.00 -26.81
C LYS A 119 -19.40 15.87 -26.95
N ARG A 120 -20.36 15.65 -26.06
CA ARG A 120 -21.59 16.42 -26.05
C ARG A 120 -21.32 17.89 -25.74
N TYR A 121 -20.38 18.14 -24.83
CA TYR A 121 -19.96 19.50 -24.46
C TYR A 121 -19.28 20.23 -25.62
N LEU A 122 -18.37 19.54 -26.31
CA LEU A 122 -17.67 20.13 -27.45
C LEU A 122 -18.62 20.40 -28.62
N CYS A 123 -19.59 19.52 -28.84
CA CYS A 123 -20.60 19.73 -29.88
C CYS A 123 -21.42 20.99 -29.60
N ALA A 124 -21.72 21.24 -28.32
CA ALA A 124 -22.51 22.41 -27.92
C ALA A 124 -21.72 23.72 -27.95
N THR A 125 -20.42 23.66 -27.67
CA THR A 125 -19.60 24.86 -27.47
C THR A 125 -18.62 25.21 -28.59
N LYS A 126 -18.26 24.23 -29.42
CA LYS A 126 -17.38 24.49 -30.59
C LYS A 126 -18.18 24.31 -31.88
N PRO A 127 -18.37 25.41 -32.64
CA PRO A 127 -19.31 25.43 -33.77
C PRO A 127 -18.99 24.46 -34.90
N GLU A 128 -17.70 24.25 -35.19
CA GLU A 128 -17.28 23.39 -36.30
C GLU A 128 -16.91 21.97 -35.83
N TYR A 129 -17.11 21.67 -34.55
CA TYR A 129 -16.73 20.39 -33.99
C TYR A 129 -17.61 19.21 -34.44
N PHE A 130 -18.91 19.47 -34.61
CA PHE A 130 -19.87 18.43 -35.00
C PHE A 130 -19.51 17.78 -36.34
N ASN A 131 -19.08 18.59 -37.30
CA ASN A 131 -18.82 18.11 -38.66
C ASN A 131 -17.55 17.26 -38.82
N ARG A 132 -16.62 17.37 -37.88
CA ARG A 132 -15.33 16.65 -37.97
C ARG A 132 -15.34 15.25 -37.31
N LEU A 133 -16.49 14.82 -36.78
CA LEU A 133 -16.60 13.50 -36.14
C LEU A 133 -16.84 12.39 -37.18
N SER A 134 -16.37 11.18 -36.86
CA SER A 134 -16.67 10.00 -37.68
C SER A 134 -18.15 9.65 -37.53
N GLU A 135 -18.71 8.96 -38.52
CA GLU A 135 -20.15 8.65 -38.49
C GLU A 135 -20.52 7.69 -37.35
N ALA A 136 -19.58 6.84 -36.95
CA ALA A 136 -19.74 6.01 -35.76
C ALA A 136 -19.91 6.87 -34.49
N SER A 137 -19.11 7.93 -34.39
CA SER A 137 -19.23 8.89 -33.28
C SER A 137 -20.48 9.78 -33.40
N ILE A 138 -20.87 10.12 -34.63
CA ILE A 138 -22.11 10.87 -34.87
C ILE A 138 -23.32 10.02 -34.53
N HIS A 139 -23.28 8.74 -34.93
CA HIS A 139 -24.37 7.82 -34.63
C HIS A 139 -24.54 7.65 -33.12
N SER A 140 -23.42 7.51 -32.42
CA SER A 140 -23.44 7.34 -30.96
C SER A 140 -23.92 8.59 -30.23
N LEU A 141 -23.58 9.78 -30.76
CA LEU A 141 -23.99 11.05 -30.15
C LEU A 141 -25.51 11.14 -30.02
N LYS A 142 -26.21 10.79 -31.10
CA LYS A 142 -27.67 10.76 -31.11
C LYS A 142 -28.22 9.96 -29.94
N LEU A 143 -27.72 8.74 -29.75
CA LEU A 143 -28.18 7.86 -28.67
C LEU A 143 -27.61 8.21 -27.30
N GLN A 144 -26.57 9.06 -27.27
CA GLN A 144 -25.97 9.51 -26.02
C GLN A 144 -26.55 10.83 -25.50
N GLY A 145 -27.57 11.35 -26.20
CA GLY A 145 -28.33 12.50 -25.72
C GLY A 145 -28.08 13.80 -26.48
N GLY A 146 -27.38 13.72 -27.61
CA GLY A 146 -27.13 14.91 -28.43
C GLY A 146 -26.23 15.93 -27.74
N PRO A 147 -26.08 17.12 -28.35
CA PRO A 147 -25.26 18.14 -27.71
C PRO A 147 -25.84 18.58 -26.36
N MET A 148 -24.98 19.05 -25.47
CA MET A 148 -25.43 19.55 -24.17
C MET A 148 -26.28 20.80 -24.34
N ASP A 149 -27.25 21.01 -23.44
CA ASP A 149 -27.90 22.32 -23.29
C ASP A 149 -27.02 23.27 -22.44
N ALA A 150 -27.44 24.53 -22.30
CA ALA A 150 -26.63 25.54 -21.62
C ALA A 150 -26.39 25.25 -20.13
N GLU A 151 -27.39 24.67 -19.48
CA GLU A 151 -27.30 24.26 -18.09
C GLU A 151 -26.21 23.20 -17.91
N GLU A 152 -26.24 22.19 -18.79
CA GLU A 152 -25.27 21.09 -18.77
C GLU A 152 -23.85 21.61 -19.01
N VAL A 153 -23.69 22.51 -19.98
CA VAL A 153 -22.40 23.14 -20.25
C VAL A 153 -21.84 23.85 -19.00
N ALA A 154 -22.66 24.67 -18.36
CA ALA A 154 -22.20 25.40 -17.15
C ALA A 154 -21.84 24.43 -16.01
N GLU A 155 -22.60 23.35 -15.89
CA GLU A 155 -22.33 22.31 -14.90
C GLU A 155 -20.99 21.62 -15.19
N PHE A 156 -20.77 21.29 -16.46
CA PHE A 156 -19.57 20.58 -16.90
C PHE A 156 -18.30 21.40 -16.67
N GLU A 157 -18.39 22.71 -16.90
CA GLU A 157 -17.22 23.59 -16.74
C GLU A 157 -16.80 23.83 -15.28
N LYS A 158 -17.64 23.44 -14.32
CA LYS A 158 -17.24 23.46 -12.90
C LYS A 158 -16.26 22.34 -12.54
N ASN A 159 -16.19 21.29 -13.35
CA ASN A 159 -15.28 20.17 -13.08
C ASN A 159 -13.83 20.63 -13.01
N PRO A 160 -13.15 20.39 -11.86
CA PRO A 160 -11.76 20.86 -11.75
C PRO A 160 -10.78 20.15 -12.69
N ASN A 161 -11.20 19.01 -13.26
CA ASN A 161 -10.37 18.27 -14.21
C ASN A 161 -10.79 18.47 -15.66
N LEU A 162 -11.54 19.54 -15.93
CA LEU A 162 -12.03 19.83 -17.27
C LEU A 162 -10.94 19.74 -18.34
N LYS A 163 -9.78 20.33 -18.08
CA LYS A 163 -8.72 20.35 -19.09
C LYS A 163 -8.24 18.96 -19.50
N GLN A 164 -8.04 18.09 -18.51
CA GLN A 164 -7.61 16.72 -18.79
C GLN A 164 -8.69 15.90 -19.47
N ILE A 165 -9.94 16.12 -19.05
CA ILE A 165 -11.10 15.47 -19.64
C ILE A 165 -11.17 15.79 -21.14
N ILE A 166 -11.01 17.06 -21.49
CA ILE A 166 -11.06 17.49 -22.88
C ILE A 166 -9.88 16.91 -23.69
N ALA A 167 -8.67 16.94 -23.12
CA ALA A 167 -7.50 16.32 -23.74
C ALA A 167 -7.76 14.86 -24.09
N VAL A 168 -8.33 14.12 -23.15
CA VAL A 168 -8.61 12.69 -23.38
C VAL A 168 -9.67 12.48 -24.47
N ARG A 169 -10.68 13.36 -24.55
CA ARG A 169 -11.65 13.28 -25.64
C ARG A 169 -11.00 13.48 -27.00
N TYR A 170 -10.11 14.45 -27.11
CA TYR A 170 -9.39 14.65 -28.38
C TYR A 170 -8.57 13.41 -28.75
N LEU A 171 -7.98 12.75 -27.75
CA LEU A 171 -7.17 11.56 -27.97
C LEU A 171 -8.02 10.35 -28.35
N ASP A 172 -9.23 10.29 -27.80
CA ASP A 172 -10.27 9.34 -28.21
C ASP A 172 -10.53 9.52 -29.71
N GLU A 173 -10.84 10.74 -30.12
CA GLU A 173 -11.17 10.98 -31.52
C GLU A 173 -9.98 10.73 -32.44
N ALA A 174 -8.77 11.02 -31.96
CA ALA A 174 -7.56 10.89 -32.78
C ALA A 174 -7.04 9.45 -32.93
N GLY A 175 -7.44 8.57 -32.02
CA GLY A 175 -6.92 7.20 -31.98
C GLY A 175 -7.72 6.21 -32.81
N LYS A 176 -7.91 6.54 -34.08
CA LYS A 176 -8.68 5.72 -35.01
C LYS A 176 -7.96 5.61 -36.35
N ARG A 177 -6.62 5.59 -36.28
CA ARG A 177 -5.78 5.56 -37.47
C ARG A 177 -5.66 4.14 -38.01
N ALA A 178 -5.75 4.00 -39.34
CA ALA A 178 -5.59 2.70 -39.97
C ALA A 178 -4.17 2.16 -39.80
N ASP A 179 -3.18 3.04 -39.66
CA ASP A 179 -1.81 2.62 -39.38
C ASP A 179 -1.09 3.53 -38.40
N MET A 180 -0.64 2.96 -37.28
CA MET A 180 0.23 3.70 -36.36
C MET A 180 1.04 2.74 -35.49
N GLU A 181 2.34 2.99 -35.43
CA GLU A 181 3.20 2.22 -34.54
C GLU A 181 2.93 2.65 -33.11
N THR A 182 2.68 1.69 -32.24
CA THR A 182 2.56 1.96 -30.80
C THR A 182 3.25 0.89 -29.99
N PRO A 183 3.67 1.22 -28.75
CA PRO A 183 4.02 0.17 -27.79
C PRO A 183 2.77 -0.62 -27.41
N ASP A 184 2.97 -1.76 -26.75
CA ASP A 184 1.85 -2.55 -26.26
C ASP A 184 1.46 -2.05 -24.87
N TYR A 185 0.44 -2.67 -24.29
CA TYR A 185 -0.01 -2.29 -22.94
C TYR A 185 1.12 -2.37 -21.92
N TRP A 186 1.90 -3.45 -21.99
CA TRP A 186 2.90 -3.75 -20.98
C TRP A 186 4.05 -2.74 -20.96
N HIS A 187 4.30 -2.08 -22.07
CA HIS A 187 5.23 -0.96 -22.07
C HIS A 187 4.68 0.28 -21.33
N PHE A 188 3.36 0.45 -21.31
CA PHE A 188 2.70 1.50 -20.51
C PHE A 188 2.42 1.07 -19.06
N ALA A 189 2.48 -0.23 -18.79
CA ALA A 189 2.08 -0.76 -17.47
C ALA A 189 2.83 -0.16 -16.27
N PRO A 190 4.15 0.07 -16.38
CA PRO A 190 4.83 0.77 -15.29
C PRO A 190 4.19 2.13 -14.97
N MET A 191 3.82 2.87 -16.01
CA MET A 191 3.15 4.18 -15.87
C MET A 191 1.78 4.02 -15.21
N VAL A 192 1.03 3.00 -15.63
CA VAL A 192 -0.25 2.72 -15.00
C VAL A 192 -0.04 2.48 -13.50
N GLN A 193 0.97 1.68 -13.16
CA GLN A 193 1.30 1.42 -11.75
C GLN A 193 1.70 2.69 -10.98
N ARG A 194 2.43 3.60 -11.62
CA ARG A 194 2.79 4.88 -10.98
C ARG A 194 1.55 5.70 -10.62
N MET A 195 0.54 5.66 -11.49
CA MET A 195 -0.71 6.37 -11.24
C MET A 195 -1.48 5.72 -10.10
N VAL A 196 -1.54 4.39 -10.09
CA VAL A 196 -2.17 3.64 -9.00
C VAL A 196 -1.48 3.97 -7.67
N ASP A 197 -0.16 4.02 -7.70
CA ASP A 197 0.64 4.25 -6.48
C ASP A 197 0.65 5.69 -5.99
N LYS A 198 0.46 6.63 -6.91
CA LYS A 198 0.24 8.03 -6.53
C LYS A 198 -1.02 8.13 -5.67
N HIS A 199 -2.04 7.38 -6.06
CA HIS A 199 -3.35 7.42 -5.42
C HIS A 199 -3.37 6.66 -4.09
N MET A 200 -2.95 5.40 -4.14
CA MET A 200 -3.07 4.50 -3.00
C MET A 200 -1.89 4.67 -2.04
N GLY A 201 -0.85 5.37 -2.48
CA GLY A 201 0.20 5.91 -1.61
C GLY A 201 0.98 4.87 -0.82
N LYS B 14 -3.66 11.96 -1.59
CA LYS B 14 -3.77 12.63 -0.26
C LYS B 14 -4.13 11.60 0.82
N LEU B 15 -5.28 10.93 0.66
CA LEU B 15 -5.64 9.82 1.53
C LEU B 15 -5.03 8.53 1.01
N ASN B 16 -4.36 7.80 1.90
CA ASN B 16 -3.68 6.58 1.51
C ASN B 16 -3.62 5.61 2.69
N ARG B 17 -2.95 4.49 2.48
CA ARG B 17 -2.81 3.45 3.50
C ARG B 17 -2.24 3.97 4.83
N GLY B 18 -1.41 5.01 4.77
CA GLY B 18 -0.71 5.52 5.94
C GLY B 18 -1.40 6.61 6.72
N ASN B 19 -2.53 7.12 6.22
CA ASN B 19 -3.29 8.14 6.94
C ASN B 19 -4.80 7.96 7.02
N ILE B 20 -5.34 6.91 6.38
CA ILE B 20 -6.80 6.71 6.39
C ILE B 20 -7.35 6.45 7.80
N VAL B 21 -6.62 5.67 8.60
CA VAL B 21 -7.08 5.35 9.96
C VAL B 21 -7.16 6.62 10.80
N GLU B 22 -6.16 7.47 10.66
CA GLU B 22 -6.08 8.74 11.37
C GLU B 22 -7.18 9.72 10.90
N PHE B 23 -7.46 9.72 9.61
CA PHE B 23 -8.53 10.54 9.03
C PHE B 23 -9.89 10.16 9.63
N ILE B 24 -10.16 8.86 9.68
CA ILE B 24 -11.42 8.40 10.25
C ILE B 24 -11.46 8.73 11.75
N GLY B 25 -10.34 8.52 12.44
CA GLY B 25 -10.23 8.88 13.85
C GLY B 25 -10.55 10.34 14.11
N GLY B 26 -10.07 11.20 13.23
CA GLY B 26 -10.38 12.63 13.28
C GLY B 26 -11.88 12.91 13.22
N ILE B 27 -12.57 12.17 12.36
CA ILE B 27 -14.03 12.29 12.24
C ILE B 27 -14.68 11.87 13.56
N PHE B 28 -14.25 10.77 14.16
CA PHE B 28 -14.74 10.39 15.47
C PHE B 28 -14.48 11.50 16.53
N ASP B 29 -13.27 12.06 16.53
CA ASP B 29 -12.90 13.09 17.51
C ASP B 29 -13.74 14.36 17.36
N ARG B 30 -13.95 14.80 16.12
CA ARG B 30 -14.63 16.07 15.83
C ARG B 30 -16.16 15.99 15.75
N ARG B 31 -16.67 14.87 15.24
CA ARG B 31 -18.09 14.72 14.92
C ARG B 31 -18.83 13.68 15.78
N GLY B 32 -18.09 12.83 16.52
CA GLY B 32 -18.66 11.70 17.23
C GLY B 32 -19.65 12.07 18.34
N ASP B 33 -19.50 13.27 18.89
CA ASP B 33 -20.39 13.76 19.96
C ASP B 33 -21.78 14.17 19.47
N GLU B 34 -21.97 14.22 18.15
CA GLU B 34 -23.25 14.62 17.59
C GLU B 34 -24.28 13.49 17.71
N GLU B 35 -25.54 13.86 17.66
CA GLU B 35 -26.65 12.96 17.97
C GLU B 35 -26.84 11.90 16.87
N TYR B 36 -27.12 10.66 17.27
CA TYR B 36 -27.59 9.64 16.34
C TYR B 36 -29.11 9.77 16.34
N LEU B 37 -29.66 10.39 15.30
CA LEU B 37 -31.00 10.98 15.38
C LEU B 37 -32.08 9.99 15.81
N GLY B 38 -32.88 10.41 16.79
CA GLY B 38 -33.99 9.59 17.31
C GLY B 38 -33.61 8.52 18.31
N GLU B 39 -32.33 8.43 18.68
CA GLU B 39 -31.84 7.34 19.53
C GLU B 39 -31.08 7.91 20.73
N PRO B 40 -30.96 7.13 21.83
CA PRO B 40 -30.29 7.62 23.04
C PRO B 40 -28.77 7.45 23.03
N VAL B 41 -28.13 7.65 21.87
CA VAL B 41 -26.69 7.55 21.75
C VAL B 41 -26.18 8.61 20.79
N THR B 42 -24.92 9.00 20.98
CA THR B 42 -24.22 9.82 20.00
C THR B 42 -23.77 8.96 18.83
N MET B 43 -23.29 9.61 17.79
CA MET B 43 -22.73 8.90 16.63
C MET B 43 -21.60 7.97 17.04
N ALA B 44 -20.65 8.48 17.82
CA ALA B 44 -19.51 7.65 18.27
C ALA B 44 -19.97 6.52 19.19
N GLU B 45 -20.85 6.82 20.13
CA GLU B 45 -21.35 5.77 21.03
C GLU B 45 -21.99 4.65 20.22
N HIS B 46 -22.82 5.04 19.27
CA HIS B 46 -23.49 4.07 18.41
C HIS B 46 -22.52 3.09 17.74
N MET B 47 -21.52 3.62 17.06
CA MET B 47 -20.56 2.78 16.34
C MET B 47 -19.60 2.04 17.27
N LEU B 48 -19.18 2.69 18.36
CA LEU B 48 -18.30 2.04 19.33
C LEU B 48 -19.01 0.89 20.08
N GLN B 49 -20.31 1.06 20.35
CA GLN B 49 -21.10 -0.02 20.95
C GLN B 49 -21.20 -1.24 20.02
N GLY B 50 -21.48 -1.00 18.75
CA GLY B 50 -21.50 -2.08 17.77
C GLY B 50 -20.18 -2.84 17.72
N ALA B 51 -19.07 -2.10 17.68
CA ALA B 51 -17.73 -2.69 17.66
C ALA B 51 -17.44 -3.47 18.94
N THR B 52 -17.85 -2.90 20.07
CA THR B 52 -17.55 -3.48 21.37
C THR B 52 -18.38 -4.74 21.65
N ILE B 53 -19.66 -4.69 21.28
CA ILE B 53 -20.53 -5.85 21.38
C ILE B 53 -19.97 -6.98 20.53
N ALA B 54 -19.52 -6.64 19.32
CA ALA B 54 -18.92 -7.63 18.43
C ALA B 54 -17.68 -8.25 19.05
N GLU B 55 -16.77 -7.39 19.53
CA GLU B 55 -15.51 -7.85 20.11
C GLU B 55 -15.73 -8.72 21.35
N GLN B 56 -16.63 -8.28 22.22
CA GLN B 56 -16.98 -9.03 23.44
C GLN B 56 -17.58 -10.41 23.14
N ASN B 57 -18.30 -10.52 22.02
CA ASN B 57 -18.94 -11.76 21.61
C ASN B 57 -18.04 -12.69 20.78
N GLY B 58 -16.78 -12.31 20.58
CA GLY B 58 -15.84 -13.16 19.86
C GLY B 58 -15.95 -13.08 18.34
N GLN B 59 -16.58 -12.01 17.84
CA GLN B 59 -16.70 -11.82 16.39
C GLN B 59 -15.35 -11.51 15.75
N PRO B 60 -15.17 -11.90 14.48
CA PRO B 60 -13.94 -11.61 13.74
C PRO B 60 -13.72 -10.11 13.51
N GLU B 61 -12.47 -9.73 13.26
CA GLU B 61 -12.11 -8.32 13.13
C GLU B 61 -12.86 -7.61 12.00
N GLU B 62 -13.15 -8.35 10.92
CA GLU B 62 -13.87 -7.77 9.79
C GLU B 62 -15.27 -7.28 10.20
N ILE B 63 -15.93 -8.04 11.09
CA ILE B 63 -17.25 -7.66 11.59
C ILE B 63 -17.15 -6.55 12.64
N ILE B 64 -16.13 -6.61 13.49
CA ILE B 64 -15.90 -5.56 14.48
C ILE B 64 -15.73 -4.22 13.76
N VAL B 65 -14.83 -4.21 12.78
CA VAL B 65 -14.55 -2.97 12.02
C VAL B 65 -15.73 -2.56 11.13
N GLY B 66 -16.44 -3.52 10.54
CA GLY B 66 -17.64 -3.19 9.77
C GLY B 66 -18.65 -2.44 10.62
N ALA B 67 -18.91 -2.98 11.81
CA ALA B 67 -19.82 -2.30 12.76
C ALA B 67 -19.27 -0.92 13.17
N LEU B 68 -17.97 -0.85 13.47
CA LEU B 68 -17.33 0.41 13.89
C LEU B 68 -17.52 1.52 12.86
N LEU B 69 -17.52 1.18 11.57
CA LEU B 69 -17.51 2.19 10.52
C LEU B 69 -18.83 2.36 9.76
N HIS B 70 -19.87 1.63 10.14
CA HIS B 70 -21.01 1.50 9.24
C HIS B 70 -21.80 2.81 9.00
N ASP B 71 -21.69 3.79 9.88
CA ASP B 71 -22.44 5.05 9.74
C ASP B 71 -21.57 6.29 9.44
N ILE B 72 -20.29 6.12 9.10
CA ILE B 72 -19.45 7.29 8.83
C ILE B 72 -19.95 8.13 7.65
N GLY B 73 -20.73 7.51 6.76
CA GLY B 73 -21.26 8.19 5.58
C GLY B 73 -22.31 9.26 5.84
N HIS B 74 -22.79 9.36 7.08
CA HIS B 74 -23.66 10.48 7.44
C HIS B 74 -22.93 11.82 7.32
N PHE B 75 -21.62 11.82 7.55
CA PHE B 75 -20.85 13.06 7.61
C PHE B 75 -20.34 13.49 6.23
N THR B 76 -21.27 13.79 5.33
CA THR B 76 -20.93 14.00 3.92
C THR B 76 -19.98 15.19 3.64
N SER B 77 -20.02 16.23 4.48
CA SER B 77 -19.13 17.38 4.30
C SER B 77 -17.65 17.06 4.57
N GLU B 78 -17.39 15.87 5.11
CA GLU B 78 -16.02 15.44 5.38
C GLU B 78 -15.33 14.83 4.17
N PHE B 79 -16.09 14.54 3.11
CA PHE B 79 -15.60 13.69 2.03
C PHE B 79 -15.38 14.42 0.70
N GLY B 80 -15.06 15.71 0.79
CA GLY B 80 -14.86 16.54 -0.40
C GLY B 80 -13.86 15.95 -1.39
N MET B 81 -12.82 15.31 -0.87
CA MET B 81 -11.77 14.71 -1.70
C MET B 81 -12.24 13.55 -2.58
N PHE B 82 -13.42 13.00 -2.30
CA PHE B 82 -14.02 11.95 -3.12
C PHE B 82 -14.93 12.50 -4.24
N SER B 83 -15.33 13.77 -4.14
CA SER B 83 -16.17 14.43 -5.16
C SER B 83 -17.37 13.57 -5.58
N MET B 84 -18.12 13.09 -4.60
CA MET B 84 -19.22 12.17 -4.85
C MET B 84 -20.42 12.88 -5.47
N ASP B 85 -21.21 12.12 -6.23
CA ASP B 85 -22.41 12.66 -6.87
C ASP B 85 -23.57 12.75 -5.88
N ASP B 86 -24.67 13.34 -6.31
CA ASP B 86 -25.82 13.56 -5.43
C ASP B 86 -26.48 12.25 -4.96
N THR B 87 -26.53 11.24 -5.81
CA THR B 87 -27.12 9.95 -5.42
C THR B 87 -26.29 9.22 -4.35
N GLU B 88 -24.97 9.40 -4.38
CA GLU B 88 -24.08 8.83 -3.35
C GLU B 88 -24.21 9.57 -2.02
N ASP B 89 -24.22 10.89 -2.07
CA ASP B 89 -24.40 11.73 -0.87
C ASP B 89 -25.72 11.49 -0.15
N ARG B 90 -26.79 11.27 -0.93
CA ARG B 90 -28.13 11.12 -0.35
C ARG B 90 -28.22 9.92 0.59
N TYR B 91 -27.55 8.83 0.23
CA TYR B 91 -27.61 7.58 1.01
C TYR B 91 -26.32 7.36 1.78
N HIS B 92 -26.39 7.53 3.10
CA HIS B 92 -25.20 7.39 3.94
C HIS B 92 -24.55 6.00 3.84
N GLU B 93 -25.34 4.95 3.62
CA GLU B 93 -24.76 3.61 3.45
C GLU B 93 -23.85 3.55 2.23
N GLU B 94 -24.25 4.26 1.18
CA GLU B 94 -23.49 4.29 -0.06
C GLU B 94 -22.26 5.20 0.07
N ALA B 95 -22.46 6.40 0.61
CA ALA B 95 -21.37 7.35 0.80
C ALA B 95 -20.26 6.75 1.68
N GLY B 96 -20.66 6.02 2.72
CA GLY B 96 -19.70 5.38 3.62
C GLY B 96 -18.90 4.30 2.91
N ALA B 97 -19.58 3.47 2.14
CA ALA B 97 -18.90 2.45 1.34
C ALA B 97 -17.94 3.06 0.32
N GLU B 98 -18.35 4.16 -0.31
CA GLU B 98 -17.51 4.81 -1.33
C GLU B 98 -16.25 5.39 -0.72
N VAL B 99 -16.36 5.89 0.50
CA VAL B 99 -15.19 6.31 1.26
C VAL B 99 -14.25 5.14 1.56
N LEU B 100 -14.80 4.00 1.98
CA LEU B 100 -13.97 2.87 2.43
C LEU B 100 -13.40 1.99 1.31
N GLU B 101 -14.03 1.99 0.14
CA GLU B 101 -13.73 0.96 -0.85
C GLU B 101 -12.27 0.93 -1.36
N GLN B 102 -11.59 2.08 -1.40
CA GLN B 102 -10.18 2.09 -1.79
C GLN B 102 -9.27 1.36 -0.80
N PHE B 103 -9.64 1.41 0.48
CA PHE B 103 -8.71 1.08 1.57
C PHE B 103 -8.99 -0.23 2.28
N PHE B 104 -10.23 -0.70 2.25
CA PHE B 104 -10.65 -1.83 3.06
C PHE B 104 -11.01 -3.08 2.27
N PRO B 105 -10.95 -4.25 2.92
CA PRO B 105 -11.44 -5.48 2.31
C PRO B 105 -12.90 -5.34 1.90
N SER B 106 -13.24 -5.89 0.74
CA SER B 106 -14.61 -5.84 0.23
C SER B 106 -15.65 -6.39 1.22
N VAL B 107 -15.28 -7.35 2.08
CA VAL B 107 -16.21 -7.78 3.12
C VAL B 107 -16.65 -6.60 4.01
N ILE B 108 -15.71 -5.75 4.39
CA ILE B 108 -16.04 -4.61 5.26
C ILE B 108 -16.81 -3.56 4.46
N THR B 109 -16.34 -3.24 3.26
CA THR B 109 -17.05 -2.32 2.38
C THR B 109 -18.51 -2.78 2.18
N ASP B 110 -18.69 -4.09 1.96
CA ASP B 110 -20.03 -4.68 1.80
C ASP B 110 -20.91 -4.53 3.02
N CYS B 111 -20.33 -4.77 4.21
CA CYS B 111 -21.07 -4.61 5.46
C CYS B 111 -21.63 -3.19 5.63
N VAL B 112 -20.86 -2.19 5.22
CA VAL B 112 -21.30 -0.81 5.29
C VAL B 112 -22.34 -0.51 4.20
N ARG B 113 -22.01 -0.85 2.97
CA ARG B 113 -22.85 -0.55 1.79
C ARG B 113 -24.26 -1.12 1.87
N TYR B 114 -24.36 -2.33 2.42
CA TYR B 114 -25.61 -3.08 2.41
C TYR B 114 -26.30 -3.14 3.79
N HIS B 115 -25.94 -2.25 4.71
CA HIS B 115 -26.52 -2.33 6.06
C HIS B 115 -27.97 -1.87 6.15
N VAL B 116 -28.39 -1.00 5.24
CA VAL B 116 -29.80 -0.63 5.11
C VAL B 116 -30.56 -1.74 4.38
N ALA B 117 -29.98 -2.28 3.31
CA ALA B 117 -30.59 -3.42 2.60
C ALA B 117 -30.81 -4.62 3.54
N ALA B 118 -29.87 -4.85 4.47
CA ALA B 118 -29.99 -5.93 5.45
C ALA B 118 -31.26 -5.81 6.31
N LYS B 119 -31.61 -4.58 6.68
CA LYS B 119 -32.83 -4.33 7.46
C LYS B 119 -34.08 -4.63 6.63
N ARG B 120 -34.09 -4.17 5.38
CA ARG B 120 -35.19 -4.44 4.47
C ARG B 120 -35.33 -5.94 4.22
N TYR B 121 -34.20 -6.63 4.08
CA TYR B 121 -34.17 -8.09 3.88
C TYR B 121 -34.71 -8.85 5.10
N LEU B 122 -34.26 -8.47 6.30
CA LEU B 122 -34.73 -9.11 7.52
C LEU B 122 -36.22 -8.86 7.76
N CYS B 123 -36.70 -7.66 7.43
CA CYS B 123 -38.12 -7.35 7.55
C CYS B 123 -38.97 -8.25 6.64
N ALA B 124 -38.44 -8.55 5.45
CA ALA B 124 -39.14 -9.41 4.48
C ALA B 124 -39.06 -10.91 4.79
N THR B 125 -37.97 -11.35 5.43
CA THR B 125 -37.70 -12.79 5.61
C THR B 125 -37.87 -13.33 7.03
N LYS B 126 -37.98 -12.45 8.02
CA LYS B 126 -38.18 -12.87 9.41
C LYS B 126 -39.47 -12.26 9.95
N PRO B 127 -40.48 -13.10 10.22
CA PRO B 127 -41.85 -12.62 10.49
C PRO B 127 -41.98 -11.70 11.71
N GLU B 128 -41.22 -11.97 12.77
CA GLU B 128 -41.32 -11.18 14.00
C GLU B 128 -40.29 -10.05 14.08
N TYR B 129 -39.47 -9.89 13.04
CA TYR B 129 -38.44 -8.86 13.02
C TYR B 129 -39.00 -7.45 12.93
N PHE B 130 -40.12 -7.29 12.23
CA PHE B 130 -40.75 -5.99 12.02
C PHE B 130 -41.13 -5.27 13.32
N ASN B 131 -41.56 -6.03 14.33
CA ASN B 131 -42.10 -5.45 15.56
C ASN B 131 -41.07 -5.09 16.64
N ARG B 132 -39.82 -5.51 16.45
CA ARG B 132 -38.78 -5.32 17.47
C ARG B 132 -37.79 -4.20 17.13
N LEU B 133 -38.17 -3.31 16.20
CA LEU B 133 -37.34 -2.17 15.82
C LEU B 133 -37.75 -0.91 16.58
N SER B 134 -36.79 -0.01 16.81
CA SER B 134 -37.08 1.30 17.36
C SER B 134 -37.90 2.09 16.33
N GLU B 135 -38.69 3.06 16.80
CA GLU B 135 -39.55 3.82 15.89
C GLU B 135 -38.74 4.68 14.91
N ALA B 136 -37.52 5.04 15.30
CA ALA B 136 -36.58 5.71 14.38
C ALA B 136 -36.19 4.79 13.21
N SER B 137 -36.00 3.51 13.49
CA SER B 137 -35.78 2.50 12.45
C SER B 137 -37.04 2.25 11.62
N ILE B 138 -38.21 2.23 12.26
CA ILE B 138 -39.49 2.01 11.57
C ILE B 138 -39.83 3.18 10.66
N HIS B 139 -39.55 4.40 11.13
CA HIS B 139 -39.72 5.59 10.31
C HIS B 139 -38.74 5.55 9.14
N SER B 140 -37.50 5.15 9.43
CA SER B 140 -36.47 5.03 8.41
C SER B 140 -36.85 4.02 7.32
N LEU B 141 -37.34 2.86 7.73
CA LEU B 141 -37.68 1.76 6.81
C LEU B 141 -38.63 2.23 5.73
N LYS B 142 -39.68 2.95 6.13
CA LYS B 142 -40.64 3.51 5.20
C LYS B 142 -39.94 4.28 4.08
N LEU B 143 -39.11 5.24 4.47
CA LEU B 143 -38.42 6.10 3.49
C LEU B 143 -37.25 5.40 2.80
N GLN B 144 -36.78 4.29 3.36
CA GLN B 144 -35.73 3.50 2.75
C GLN B 144 -36.26 2.45 1.78
N GLY B 145 -37.58 2.39 1.60
CA GLY B 145 -38.19 1.54 0.57
C GLY B 145 -38.97 0.34 1.07
N GLY B 146 -39.21 0.29 2.38
CA GLY B 146 -39.97 -0.80 2.98
C GLY B 146 -39.27 -2.14 2.86
N PRO B 147 -39.95 -3.21 3.28
CA PRO B 147 -39.37 -4.54 3.15
C PRO B 147 -39.07 -4.92 1.70
N MET B 148 -38.08 -5.78 1.51
CA MET B 148 -37.71 -6.25 0.17
C MET B 148 -38.82 -7.08 -0.45
N ASP B 149 -38.98 -7.01 -1.78
CA ASP B 149 -39.80 -7.99 -2.50
C ASP B 149 -39.01 -9.30 -2.68
N ALA B 150 -39.66 -10.35 -3.19
CA ALA B 150 -39.03 -11.67 -3.28
C ALA B 150 -37.83 -11.67 -4.24
N GLU B 151 -37.90 -10.86 -5.28
CA GLU B 151 -36.81 -10.69 -6.23
C GLU B 151 -35.58 -10.11 -5.52
N GLU B 152 -35.81 -9.05 -4.75
CA GLU B 152 -34.73 -8.38 -3.99
C GLU B 152 -34.09 -9.33 -2.98
N VAL B 153 -34.93 -10.10 -2.29
CA VAL B 153 -34.45 -11.11 -1.35
C VAL B 153 -33.53 -12.14 -2.03
N ALA B 154 -33.98 -12.68 -3.17
CA ALA B 154 -33.18 -13.68 -3.89
C ALA B 154 -31.83 -13.11 -4.34
N GLU B 155 -31.83 -11.88 -4.82
CA GLU B 155 -30.58 -11.23 -5.24
C GLU B 155 -29.65 -11.03 -4.05
N PHE B 156 -30.21 -10.58 -2.93
CA PHE B 156 -29.43 -10.30 -1.73
C PHE B 156 -28.73 -11.56 -1.21
N GLU B 157 -29.42 -12.71 -1.29
CA GLU B 157 -28.88 -13.95 -0.77
C GLU B 157 -27.74 -14.54 -1.62
N LYS B 158 -27.53 -13.99 -2.82
CA LYS B 158 -26.37 -14.33 -3.65
C LYS B 158 -25.07 -13.68 -3.15
N ASN B 159 -25.17 -12.66 -2.30
CA ASN B 159 -23.98 -11.97 -1.80
C ASN B 159 -23.10 -12.93 -0.99
N PRO B 160 -21.83 -13.12 -1.40
CA PRO B 160 -20.96 -14.05 -0.67
C PRO B 160 -20.69 -13.60 0.77
N ASN B 161 -20.89 -12.32 1.06
CA ASN B 161 -20.66 -11.79 2.40
C ASN B 161 -21.95 -11.62 3.22
N LEU B 162 -23.02 -12.30 2.79
CA LEU B 162 -24.31 -12.19 3.47
C LEU B 162 -24.24 -12.35 4.99
N LYS B 163 -23.49 -13.34 5.46
CA LYS B 163 -23.42 -13.61 6.91
C LYS B 163 -22.82 -12.46 7.70
N GLN B 164 -21.76 -11.85 7.18
CA GLN B 164 -21.11 -10.72 7.85
C GLN B 164 -21.99 -9.48 7.79
N ILE B 165 -22.64 -9.29 6.64
CA ILE B 165 -23.60 -8.20 6.44
C ILE B 165 -24.72 -8.25 7.48
N ILE B 166 -25.28 -9.44 7.66
CA ILE B 166 -26.36 -9.63 8.63
C ILE B 166 -25.90 -9.40 10.06
N ALA B 167 -24.73 -9.92 10.42
CA ALA B 167 -24.13 -9.68 11.74
C ALA B 167 -23.97 -8.18 12.03
N VAL B 168 -23.50 -7.42 11.06
CA VAL B 168 -23.30 -5.98 11.27
C VAL B 168 -24.62 -5.25 11.45
N ARG B 169 -25.63 -5.68 10.72
CA ARG B 169 -26.97 -5.10 10.88
C ARG B 169 -27.52 -5.37 12.29
N TYR B 170 -27.31 -6.57 12.81
CA TYR B 170 -27.68 -6.86 14.20
C TYR B 170 -26.93 -5.96 15.20
N LEU B 171 -25.66 -5.69 14.92
CA LEU B 171 -24.84 -4.84 15.78
C LEU B 171 -25.25 -3.37 15.68
N ASP B 172 -25.71 -2.96 14.50
CA ASP B 172 -26.35 -1.66 14.30
C ASP B 172 -27.56 -1.52 15.25
N GLU B 173 -28.50 -2.45 15.17
CA GLU B 173 -29.68 -2.38 16.03
C GLU B 173 -29.36 -2.49 17.53
N ALA B 174 -28.33 -3.27 17.88
CA ALA B 174 -27.93 -3.48 19.27
C ALA B 174 -27.20 -2.28 19.89
N GLY B 175 -26.56 -1.46 19.07
CA GLY B 175 -25.71 -0.36 19.55
C GLY B 175 -26.47 0.92 19.83
N LYS B 176 -27.50 0.83 20.67
CA LYS B 176 -28.35 1.98 21.01
C LYS B 176 -28.64 1.99 22.51
N ARG B 177 -27.68 1.51 23.29
CA ARG B 177 -27.83 1.40 24.74
C ARG B 177 -27.61 2.75 25.41
N ALA B 178 -28.47 3.07 26.36
CA ALA B 178 -28.34 4.32 27.12
C ALA B 178 -27.06 4.31 27.97
N ASP B 179 -26.61 3.12 28.37
CA ASP B 179 -25.34 3.01 29.09
C ASP B 179 -24.54 1.78 28.70
N MET B 180 -23.33 2.00 28.21
CA MET B 180 -22.38 0.92 27.94
C MET B 180 -20.95 1.43 27.98
N GLU B 181 -20.10 0.74 28.71
CA GLU B 181 -18.67 0.99 28.67
C GLU B 181 -18.10 0.49 27.34
N THR B 182 -17.41 1.35 26.62
CA THR B 182 -16.66 0.96 25.42
C THR B 182 -15.28 1.59 25.40
N PRO B 183 -14.31 0.97 24.70
CA PRO B 183 -13.09 1.67 24.36
C PRO B 183 -13.41 2.82 23.42
N ASP B 184 -12.44 3.72 23.20
CA ASP B 184 -12.63 4.79 22.24
C ASP B 184 -12.17 4.31 20.86
N TYR B 185 -12.30 5.16 19.86
CA TYR B 185 -11.91 4.78 18.50
C TYR B 185 -10.46 4.34 18.45
N TRP B 186 -9.58 5.05 19.16
CA TRP B 186 -8.14 4.83 19.06
C TRP B 186 -7.70 3.48 19.62
N HIS B 187 -8.45 2.93 20.56
CA HIS B 187 -8.20 1.55 20.97
C HIS B 187 -8.55 0.51 19.89
N PHE B 188 -9.48 0.84 18.99
CA PHE B 188 -9.78 0.01 17.81
C PHE B 188 -8.88 0.31 16.59
N ALA B 189 -8.21 1.46 16.61
CA ALA B 189 -7.44 1.92 15.44
C ALA B 189 -6.37 0.95 14.92
N PRO B 190 -5.63 0.25 15.80
CA PRO B 190 -4.72 -0.78 15.27
C PRO B 190 -5.45 -1.85 14.47
N MET B 191 -6.64 -2.25 14.91
CA MET B 191 -7.45 -3.23 14.19
C MET B 191 -7.90 -2.71 12.83
N VAL B 192 -8.36 -1.46 12.80
CA VAL B 192 -8.71 -0.79 11.55
C VAL B 192 -7.51 -0.84 10.60
N GLN B 193 -6.34 -0.47 11.09
CA GLN B 193 -5.10 -0.53 10.29
C GLN B 193 -4.76 -1.94 9.78
N ARG B 194 -4.97 -2.95 10.63
CA ARG B 194 -4.76 -4.34 10.20
C ARG B 194 -5.65 -4.69 9.00
N MET B 195 -6.88 -4.18 9.03
CA MET B 195 -7.82 -4.42 7.92
C MET B 195 -7.38 -3.69 6.65
N VAL B 196 -6.96 -2.44 6.78
CA VAL B 196 -6.41 -1.67 5.66
C VAL B 196 -5.19 -2.39 5.06
N ASP B 197 -4.29 -2.85 5.93
CA ASP B 197 -3.05 -3.51 5.49
C ASP B 197 -3.30 -4.86 4.82
N LYS B 198 -4.30 -5.58 5.30
CA LYS B 198 -4.73 -6.83 4.69
C LYS B 198 -5.19 -6.58 3.25
N HIS B 199 -5.98 -5.53 3.05
CA HIS B 199 -6.49 -5.18 1.72
C HIS B 199 -5.38 -4.62 0.82
N MET B 200 -4.66 -3.64 1.34
CA MET B 200 -3.63 -2.93 0.57
C MET B 200 -2.27 -3.60 0.76
N SER C 13 19.05 11.12 -20.51
CA SER C 13 18.22 11.80 -19.46
C SER C 13 18.69 11.40 -18.06
N LYS C 14 18.32 12.23 -17.09
CA LYS C 14 18.56 11.93 -15.68
C LYS C 14 17.63 10.81 -15.26
N LEU C 15 18.13 9.88 -14.46
CA LEU C 15 17.31 8.79 -13.97
C LEU C 15 16.56 9.20 -12.72
N ASN C 16 15.32 8.76 -12.63
CA ASN C 16 14.48 9.10 -11.50
C ASN C 16 13.39 8.04 -11.32
N ARG C 17 12.61 8.17 -10.26
CA ARG C 17 11.56 7.21 -9.93
C ARG C 17 10.56 7.00 -11.07
N GLY C 18 10.41 8.01 -11.93
CA GLY C 18 9.48 7.94 -13.04
C GLY C 18 10.01 7.34 -14.34
N ASN C 19 11.32 7.14 -14.46
CA ASN C 19 11.87 6.50 -15.67
C ASN C 19 12.84 5.34 -15.47
N ILE C 20 13.20 5.04 -14.22
CA ILE C 20 14.14 3.94 -13.96
C ILE C 20 13.67 2.56 -14.46
N VAL C 21 12.38 2.27 -14.33
CA VAL C 21 11.85 0.98 -14.75
C VAL C 21 11.91 0.83 -16.27
N GLU C 22 11.59 1.91 -16.96
CA GLU C 22 11.63 1.93 -18.42
C GLU C 22 13.07 1.89 -18.93
N PHE C 23 13.96 2.55 -18.19
CA PHE C 23 15.40 2.56 -18.50
C PHE C 23 15.96 1.14 -18.44
N ILE C 24 15.69 0.43 -17.35
CA ILE C 24 16.14 -0.96 -17.25
C ILE C 24 15.47 -1.83 -18.34
N GLY C 25 14.18 -1.60 -18.58
CA GLY C 25 13.47 -2.31 -19.63
C GLY C 25 14.09 -2.12 -21.01
N GLY C 26 14.56 -0.91 -21.28
CA GLY C 26 15.25 -0.61 -22.54
C GLY C 26 16.51 -1.44 -22.70
N ILE C 27 17.21 -1.66 -21.58
CA ILE C 27 18.41 -2.50 -21.55
C ILE C 27 18.04 -3.94 -21.90
N PHE C 28 16.97 -4.47 -21.29
CA PHE C 28 16.47 -5.80 -21.64
C PHE C 28 16.09 -5.85 -23.12
N ASP C 29 15.41 -4.81 -23.60
CA ASP C 29 14.97 -4.78 -25.01
C ASP C 29 16.15 -4.76 -26.00
N ARG C 30 17.15 -3.92 -25.71
CA ARG C 30 18.29 -3.69 -26.61
C ARG C 30 19.41 -4.71 -26.45
N ARG C 31 19.70 -5.09 -25.21
CA ARG C 31 20.87 -5.89 -24.89
C ARG C 31 20.53 -7.34 -24.49
N GLY C 32 19.25 -7.63 -24.30
CA GLY C 32 18.81 -8.89 -23.70
C GLY C 32 19.21 -10.14 -24.43
N ASP C 33 19.32 -10.05 -25.75
CA ASP C 33 19.66 -11.19 -26.61
C ASP C 33 21.16 -11.54 -26.66
N GLU C 34 21.99 -10.74 -25.99
CA GLU C 34 23.42 -11.05 -25.92
C GLU C 34 23.66 -12.21 -24.95
N GLU C 35 24.77 -12.92 -25.16
CA GLU C 35 25.08 -14.14 -24.42
C GLU C 35 25.36 -13.87 -22.94
N TYR C 36 24.85 -14.75 -22.06
CA TYR C 36 25.26 -14.77 -20.66
C TYR C 36 26.60 -15.52 -20.64
N LEU C 37 27.68 -14.77 -20.42
CA LEU C 37 29.04 -15.22 -20.72
C LEU C 37 29.29 -16.68 -20.34
N GLY C 38 29.59 -17.50 -21.35
CA GLY C 38 29.95 -18.90 -21.13
C GLY C 38 28.79 -19.83 -20.80
N GLU C 39 27.56 -19.35 -20.94
CA GLU C 39 26.38 -20.13 -20.58
C GLU C 39 25.47 -20.34 -21.79
N PRO C 40 24.59 -21.34 -21.76
CA PRO C 40 23.66 -21.63 -22.86
C PRO C 40 22.37 -20.78 -22.89
N VAL C 41 22.38 -19.63 -22.22
CA VAL C 41 21.23 -18.72 -22.21
C VAL C 41 21.70 -17.29 -22.47
N THR C 42 20.77 -16.44 -22.90
CA THR C 42 21.04 -15.01 -23.07
C THR C 42 20.97 -14.28 -21.72
N MET C 43 21.41 -13.03 -21.72
CA MET C 43 21.31 -12.17 -20.54
C MET C 43 19.87 -12.06 -20.04
N ALA C 44 18.94 -11.75 -20.93
CA ALA C 44 17.53 -11.64 -20.57
C ALA C 44 16.95 -12.98 -20.12
N GLU C 45 17.21 -14.03 -20.88
CA GLU C 45 16.75 -15.36 -20.50
C GLU C 45 17.14 -15.69 -19.06
N HIS C 46 18.41 -15.41 -18.73
CA HIS C 46 18.96 -15.76 -17.41
C HIS C 46 18.24 -15.05 -16.26
N MET C 47 18.12 -13.73 -16.37
CA MET C 47 17.47 -12.95 -15.33
C MET C 47 15.97 -13.20 -15.27
N LEU C 48 15.34 -13.35 -16.43
CA LEU C 48 13.91 -13.65 -16.49
C LEU C 48 13.62 -15.02 -15.90
N GLN C 49 14.50 -15.99 -16.13
CA GLN C 49 14.33 -17.33 -15.53
C GLN C 49 14.33 -17.28 -14.00
N GLY C 50 15.27 -16.53 -13.41
CA GLY C 50 15.31 -16.40 -11.95
C GLY C 50 14.06 -15.75 -11.40
N ALA C 51 13.62 -14.69 -12.05
CA ALA C 51 12.41 -13.97 -11.65
C ALA C 51 11.18 -14.87 -11.78
N THR C 52 11.11 -15.60 -12.90
CA THR C 52 9.98 -16.48 -13.19
C THR C 52 9.86 -17.64 -12.18
N ILE C 53 10.99 -18.28 -11.89
CA ILE C 53 11.03 -19.35 -10.88
C ILE C 53 10.60 -18.80 -9.53
N ALA C 54 11.12 -17.63 -9.16
CA ALA C 54 10.75 -17.01 -7.89
C ALA C 54 9.24 -16.74 -7.83
N GLU C 55 8.69 -16.25 -8.94
CA GLU C 55 7.27 -15.93 -9.02
C GLU C 55 6.43 -17.19 -8.85
N GLN C 56 6.80 -18.25 -9.57
CA GLN C 56 6.12 -19.55 -9.47
C GLN C 56 6.14 -20.12 -8.04
N ASN C 57 7.27 -19.94 -7.34
CA ASN C 57 7.44 -20.48 -6.00
C ASN C 57 6.83 -19.60 -4.89
N GLY C 58 6.16 -18.51 -5.27
CA GLY C 58 5.49 -17.64 -4.30
C GLY C 58 6.40 -16.78 -3.45
N GLN C 59 7.60 -16.47 -3.98
CA GLN C 59 8.53 -15.61 -3.26
C GLN C 59 8.00 -14.20 -3.25
N PRO C 60 8.33 -13.42 -2.21
CA PRO C 60 7.91 -12.03 -2.21
C PRO C 60 8.48 -11.25 -3.39
N GLU C 61 7.86 -10.13 -3.71
CA GLU C 61 8.26 -9.33 -4.86
C GLU C 61 9.71 -8.82 -4.76
N GLU C 62 10.24 -8.68 -3.54
CA GLU C 62 11.62 -8.23 -3.37
C GLU C 62 12.62 -9.27 -3.91
N ILE C 63 12.29 -10.54 -3.75
CA ILE C 63 13.15 -11.62 -4.23
C ILE C 63 12.99 -11.79 -5.74
N ILE C 64 11.77 -11.71 -6.22
CA ILE C 64 11.51 -11.81 -7.66
C ILE C 64 12.29 -10.72 -8.39
N VAL C 65 12.19 -9.49 -7.91
CA VAL C 65 12.85 -8.35 -8.55
C VAL C 65 14.37 -8.40 -8.34
N GLY C 66 14.83 -8.83 -7.17
CA GLY C 66 16.24 -9.06 -6.91
C GLY C 66 16.87 -10.02 -7.91
N ALA C 67 16.20 -11.15 -8.13
CA ALA C 67 16.63 -12.11 -9.15
C ALA C 67 16.60 -11.50 -10.55
N LEU C 68 15.52 -10.79 -10.86
CA LEU C 68 15.36 -10.14 -12.18
C LEU C 68 16.51 -9.19 -12.51
N LEU C 69 17.02 -8.48 -11.51
CA LEU C 69 18.00 -7.42 -11.75
C LEU C 69 19.44 -7.74 -11.38
N HIS C 70 19.72 -8.94 -10.85
CA HIS C 70 21.01 -9.18 -10.18
C HIS C 70 22.27 -9.05 -11.05
N ASP C 71 22.15 -9.23 -12.36
CA ASP C 71 23.30 -9.14 -13.27
C ASP C 71 23.27 -7.93 -14.21
N ILE C 72 22.44 -6.93 -13.92
CA ILE C 72 22.36 -5.79 -14.84
C ILE C 72 23.69 -5.02 -14.88
N GLY C 73 24.50 -5.16 -13.84
CA GLY C 73 25.81 -4.54 -13.78
C GLY C 73 26.83 -5.04 -14.79
N HIS C 74 26.55 -6.15 -15.47
CA HIS C 74 27.38 -6.57 -16.62
C HIS C 74 27.35 -5.54 -17.77
N PHE C 75 26.24 -4.81 -17.90
CA PHE C 75 26.08 -3.84 -18.99
C PHE C 75 26.64 -2.46 -18.63
N THR C 76 27.93 -2.41 -18.31
CA THR C 76 28.55 -1.20 -17.76
C THR C 76 28.45 0.05 -18.65
N SER C 77 28.44 -0.13 -19.97
CA SER C 77 28.39 1.02 -20.89
C SER C 77 27.04 1.74 -20.88
N GLU C 78 26.04 1.13 -20.23
CA GLU C 78 24.74 1.75 -20.06
C GLU C 78 24.66 2.77 -18.92
N PHE C 79 25.65 2.81 -18.03
CA PHE C 79 25.51 3.53 -16.76
C PHE C 79 26.41 4.76 -16.58
N GLY C 80 26.63 5.49 -17.66
CA GLY C 80 27.44 6.71 -17.61
C GLY C 80 26.94 7.80 -16.67
N MET C 81 25.69 7.69 -16.20
CA MET C 81 25.13 8.63 -15.23
C MET C 81 25.46 8.29 -13.77
N PHE C 82 26.19 7.19 -13.55
CA PHE C 82 26.63 6.80 -12.20
C PHE C 82 28.16 6.81 -12.13
N TYR C 91 33.64 -5.72 -11.38
CA TYR C 91 32.77 -5.98 -10.24
C TYR C 91 31.32 -5.70 -10.62
N HIS C 92 30.76 -6.58 -11.46
CA HIS C 92 29.38 -6.40 -11.95
C HIS C 92 28.35 -6.37 -10.82
N GLU C 93 28.63 -7.06 -9.71
CA GLU C 93 27.75 -6.98 -8.53
C GLU C 93 27.64 -5.56 -7.96
N GLU C 94 28.76 -4.84 -7.96
CA GLU C 94 28.79 -3.49 -7.41
C GLU C 94 28.24 -2.49 -8.44
N ALA C 95 28.57 -2.67 -9.71
CA ALA C 95 28.00 -1.81 -10.77
C ALA C 95 26.47 -1.85 -10.76
N GLY C 96 25.91 -3.07 -10.61
CA GLY C 96 24.47 -3.25 -10.54
C GLY C 96 23.82 -2.60 -9.33
N ALA C 97 24.40 -2.83 -8.15
CA ALA C 97 23.87 -2.26 -6.91
C ALA C 97 23.87 -0.73 -6.96
N GLU C 98 24.90 -0.14 -7.56
CA GLU C 98 25.00 1.31 -7.68
C GLU C 98 23.87 1.91 -8.51
N VAL C 99 23.42 1.19 -9.53
CA VAL C 99 22.27 1.60 -10.34
C VAL C 99 20.98 1.57 -9.53
N LEU C 100 20.82 0.56 -8.69
CA LEU C 100 19.59 0.35 -7.95
C LEU C 100 19.49 1.14 -6.65
N GLU C 101 20.61 1.45 -6.02
CA GLU C 101 20.55 1.82 -4.60
C GLU C 101 19.76 3.08 -4.26
N GLN C 102 19.67 4.02 -5.19
CA GLN C 102 18.85 5.23 -4.96
C GLN C 102 17.35 4.96 -4.98
N PHE C 103 16.94 3.97 -5.76
CA PHE C 103 15.54 3.81 -6.15
C PHE C 103 14.81 2.61 -5.52
N PHE C 104 15.58 1.62 -5.06
CA PHE C 104 14.99 0.36 -4.62
C PHE C 104 15.13 0.11 -3.11
N PRO C 105 14.23 -0.70 -2.55
CA PRO C 105 14.40 -1.14 -1.16
C PRO C 105 15.78 -1.77 -0.97
N SER C 106 16.37 -1.51 0.20
CA SER C 106 17.72 -1.95 0.48
C SER C 106 17.87 -3.47 0.37
N VAL C 107 16.82 -4.23 0.67
CA VAL C 107 16.86 -5.70 0.49
C VAL C 107 17.17 -6.07 -0.96
N ILE C 108 16.54 -5.37 -1.92
CA ILE C 108 16.78 -5.66 -3.34
C ILE C 108 18.20 -5.27 -3.72
N THR C 109 18.62 -4.06 -3.34
CA THR C 109 19.97 -3.60 -3.60
C THR C 109 21.01 -4.58 -3.02
N ASP C 110 20.75 -5.06 -1.80
CA ASP C 110 21.60 -6.05 -1.12
C ASP C 110 21.68 -7.37 -1.86
N CYS C 111 20.54 -7.86 -2.34
CA CYS C 111 20.51 -9.10 -3.11
C CYS C 111 21.41 -9.03 -4.34
N VAL C 112 21.50 -7.84 -4.95
CA VAL C 112 22.36 -7.65 -6.12
C VAL C 112 23.81 -7.42 -5.70
N ARG C 113 24.03 -6.48 -4.79
CA ARG C 113 25.37 -6.15 -4.32
C ARG C 113 26.14 -7.37 -3.83
N TYR C 114 25.44 -8.26 -3.13
CA TYR C 114 26.12 -9.36 -2.42
C TYR C 114 25.94 -10.72 -3.07
N HIS C 115 25.48 -10.76 -4.31
CA HIS C 115 25.22 -12.04 -4.96
C HIS C 115 26.51 -12.79 -5.35
N VAL C 116 27.62 -12.08 -5.50
CA VAL C 116 28.91 -12.72 -5.72
C VAL C 116 29.45 -13.27 -4.39
N ALA C 117 29.32 -12.48 -3.33
CA ALA C 117 29.68 -12.94 -1.99
C ALA C 117 28.86 -14.17 -1.60
N ALA C 118 27.60 -14.21 -2.04
CA ALA C 118 26.72 -15.34 -1.79
C ALA C 118 27.31 -16.64 -2.33
N LYS C 119 27.84 -16.58 -3.55
CA LYS C 119 28.48 -17.75 -4.16
C LYS C 119 29.69 -18.20 -3.35
N ARG C 120 30.51 -17.22 -2.94
CA ARG C 120 31.67 -17.48 -2.11
C ARG C 120 31.24 -18.09 -0.76
N TYR C 121 30.16 -17.57 -0.23
CA TYR C 121 29.60 -18.07 1.03
C TYR C 121 29.06 -19.50 0.91
N LEU C 122 28.28 -19.76 -0.15
CA LEU C 122 27.66 -21.08 -0.33
C LEU C 122 28.72 -22.16 -0.58
N CYS C 123 29.71 -21.84 -1.40
CA CYS C 123 30.82 -22.77 -1.65
C CYS C 123 31.59 -23.06 -0.37
N ALA C 124 31.69 -22.07 0.52
CA ALA C 124 32.39 -22.24 1.79
C ALA C 124 31.60 -23.07 2.81
N THR C 125 30.28 -22.88 2.84
CA THR C 125 29.43 -23.51 3.86
C THR C 125 28.76 -24.81 3.39
N LYS C 126 28.57 -24.94 2.08
CA LYS C 126 27.95 -26.11 1.48
C LYS C 126 28.79 -26.50 0.28
N PRO C 127 29.96 -27.14 0.53
CA PRO C 127 30.94 -27.41 -0.52
C PRO C 127 30.41 -28.09 -1.79
N GLU C 128 29.33 -28.88 -1.69
CA GLU C 128 28.73 -29.51 -2.86
C GLU C 128 28.14 -28.47 -3.82
N TYR C 129 27.88 -27.25 -3.33
CA TYR C 129 27.44 -26.14 -4.19
C TYR C 129 28.41 -25.89 -5.35
N PHE C 130 29.69 -26.22 -5.16
CA PHE C 130 30.68 -26.10 -6.23
C PHE C 130 30.29 -26.92 -7.46
N ASN C 131 29.82 -28.14 -7.24
CA ASN C 131 29.37 -29.01 -8.34
C ASN C 131 28.10 -28.49 -9.02
N ARG C 132 27.38 -27.65 -8.30
CA ARG C 132 26.16 -27.04 -8.78
C ARG C 132 26.43 -25.87 -9.72
N LEU C 133 27.59 -25.23 -9.55
CA LEU C 133 28.01 -24.11 -10.41
C LEU C 133 28.36 -24.57 -11.82
N SER C 134 28.17 -23.67 -12.78
CA SER C 134 28.61 -23.90 -14.14
C SER C 134 30.10 -23.70 -14.21
N GLU C 135 30.70 -24.15 -15.33
CA GLU C 135 32.12 -23.91 -15.60
C GLU C 135 32.44 -22.42 -15.56
N ALA C 136 31.52 -21.60 -16.09
CA ALA C 136 31.76 -20.16 -16.19
C ALA C 136 31.75 -19.46 -14.82
N SER C 137 30.85 -19.87 -13.93
CA SER C 137 30.80 -19.30 -12.58
C SER C 137 31.93 -19.81 -11.69
N ILE C 138 32.40 -21.03 -11.94
CA ILE C 138 33.61 -21.55 -11.29
C ILE C 138 34.80 -20.67 -11.68
N HIS C 139 34.89 -20.34 -12.96
CA HIS C 139 35.96 -19.49 -13.47
C HIS C 139 35.94 -18.10 -12.82
N SER C 140 34.77 -17.46 -12.78
CA SER C 140 34.68 -16.13 -12.16
C SER C 140 34.96 -16.17 -10.65
N LEU C 141 34.54 -17.26 -10.00
CA LEU C 141 34.80 -17.45 -8.56
C LEU C 141 36.29 -17.29 -8.20
N LYS C 142 37.15 -17.86 -9.04
CA LYS C 142 38.59 -17.77 -8.85
C LYS C 142 39.04 -16.31 -8.79
N LEU C 143 38.66 -15.52 -9.79
CA LEU C 143 38.99 -14.09 -9.85
C LEU C 143 38.36 -13.31 -8.69
N GLN C 144 37.18 -13.75 -8.27
CA GLN C 144 36.45 -13.09 -7.19
C GLN C 144 36.94 -13.47 -5.78
N GLY C 145 37.92 -14.38 -5.69
CA GLY C 145 38.57 -14.70 -4.42
C GLY C 145 38.33 -16.09 -3.84
N GLY C 146 37.67 -16.96 -4.59
CA GLY C 146 37.41 -18.32 -4.12
C GLY C 146 36.42 -18.37 -2.96
N PRO C 147 36.26 -19.55 -2.35
CA PRO C 147 35.37 -19.68 -1.20
C PRO C 147 35.75 -18.79 -0.02
N MET C 148 34.76 -18.36 0.75
CA MET C 148 34.98 -17.60 1.96
C MET C 148 35.71 -18.46 3.01
N ASP C 149 36.52 -17.83 3.84
CA ASP C 149 37.04 -18.51 5.04
C ASP C 149 36.08 -18.27 6.21
N ALA C 150 36.36 -18.88 7.36
CA ALA C 150 35.48 -18.79 8.53
C ALA C 150 35.23 -17.36 8.99
N GLU C 151 36.26 -16.51 8.95
CA GLU C 151 36.11 -15.12 9.38
C GLU C 151 35.16 -14.36 8.45
N GLU C 152 35.34 -14.52 7.14
CA GLU C 152 34.44 -13.93 6.16
C GLU C 152 33.01 -14.44 6.30
N VAL C 153 32.86 -15.73 6.60
CA VAL C 153 31.54 -16.36 6.78
C VAL C 153 30.78 -15.71 7.95
N ALA C 154 31.47 -15.53 9.07
CA ALA C 154 30.87 -14.93 10.27
C ALA C 154 30.43 -13.48 10.03
N GLU C 155 31.22 -12.72 9.28
CA GLU C 155 30.86 -11.34 8.96
C GLU C 155 29.65 -11.30 8.01
N PHE C 156 29.66 -12.18 7.02
CA PHE C 156 28.56 -12.24 6.06
C PHE C 156 27.24 -12.60 6.75
N GLU C 157 27.31 -13.47 7.75
CA GLU C 157 26.11 -13.91 8.48
C GLU C 157 25.49 -12.84 9.38
N LYS C 158 26.20 -11.72 9.58
CA LYS C 158 25.64 -10.56 10.28
C LYS C 158 24.73 -9.72 9.39
N ASN C 159 24.82 -9.93 8.08
CA ASN C 159 23.96 -9.21 7.15
C ASN C 159 22.49 -9.50 7.43
N PRO C 160 21.69 -8.44 7.70
CA PRO C 160 20.30 -8.67 8.09
C PRO C 160 19.43 -9.31 7.00
N ASN C 161 19.86 -9.20 5.74
CA ASN C 161 19.13 -9.79 4.62
C ASN C 161 19.80 -11.06 4.06
N LEU C 162 20.51 -11.80 4.92
CA LEU C 162 21.22 -13.01 4.49
C LEU C 162 20.31 -14.00 3.75
N LYS C 163 19.12 -14.26 4.28
CA LYS C 163 18.23 -15.26 3.69
C LYS C 163 17.76 -14.88 2.28
N GLN C 164 17.44 -13.60 2.08
CA GLN C 164 17.02 -13.14 0.76
C GLN C 164 18.18 -13.18 -0.25
N ILE C 165 19.37 -12.79 0.21
CA ILE C 165 20.58 -12.84 -0.63
C ILE C 165 20.84 -14.27 -1.10
N ILE C 166 20.77 -15.22 -0.19
CA ILE C 166 20.97 -16.63 -0.55
C ILE C 166 19.89 -17.13 -1.51
N ALA C 167 18.63 -16.77 -1.25
CA ALA C 167 17.53 -17.16 -2.12
C ALA C 167 17.75 -16.71 -3.57
N VAL C 168 18.24 -15.47 -3.73
CA VAL C 168 18.52 -14.95 -5.07
C VAL C 168 19.69 -15.71 -5.74
N ARG C 169 20.73 -16.05 -4.99
CA ARG C 169 21.82 -16.83 -5.60
C ARG C 169 21.34 -18.20 -6.06
N TYR C 170 20.44 -18.86 -5.31
CA TYR C 170 19.89 -20.13 -5.82
C TYR C 170 19.21 -19.94 -7.17
N LEU C 171 18.45 -18.85 -7.31
CA LEU C 171 17.73 -18.56 -8.54
C LEU C 171 18.70 -18.24 -9.68
N ASP C 172 19.85 -17.64 -9.32
CA ASP C 172 20.95 -17.39 -10.23
C ASP C 172 21.47 -18.71 -10.80
N GLU C 173 21.82 -19.66 -9.94
CA GLU C 173 22.25 -20.98 -10.43
C GLU C 173 21.16 -21.74 -11.21
N ALA C 174 19.90 -21.53 -10.85
CA ALA C 174 18.77 -22.22 -11.48
C ALA C 174 18.40 -21.68 -12.86
N GLY C 175 18.77 -20.43 -13.14
CA GLY C 175 18.29 -19.73 -14.34
C GLY C 175 19.21 -19.85 -15.53
N LYS C 176 19.64 -21.07 -15.83
CA LYS C 176 20.55 -21.32 -16.94
C LYS C 176 20.08 -22.49 -17.80
N ARG C 177 18.76 -22.67 -17.89
CA ARG C 177 18.17 -23.78 -18.63
C ARG C 177 17.89 -23.33 -20.06
N ALA C 178 18.40 -24.08 -21.04
CA ALA C 178 18.43 -23.63 -22.44
C ALA C 178 17.06 -23.56 -23.11
N ASP C 179 16.16 -24.47 -22.77
CA ASP C 179 14.81 -24.48 -23.33
C ASP C 179 13.77 -24.31 -22.24
N MET C 180 13.61 -23.08 -21.79
CA MET C 180 12.58 -22.71 -20.83
C MET C 180 12.07 -21.33 -21.22
N GLU C 181 10.82 -21.25 -21.69
CA GLU C 181 10.25 -19.96 -22.07
C GLU C 181 9.76 -19.26 -20.82
N THR C 182 9.80 -17.93 -20.83
CA THR C 182 9.36 -17.12 -19.70
C THR C 182 8.57 -15.93 -20.22
N PRO C 183 7.87 -15.22 -19.32
CA PRO C 183 7.40 -13.88 -19.67
C PRO C 183 8.59 -12.95 -19.94
N ASP C 184 8.36 -11.86 -20.64
CA ASP C 184 9.42 -10.88 -20.90
C ASP C 184 9.53 -9.91 -19.72
N TYR C 185 10.46 -8.95 -19.82
CA TYR C 185 10.66 -7.98 -18.75
C TYR C 185 9.41 -7.22 -18.37
N TRP C 186 8.61 -6.87 -19.39
CA TRP C 186 7.50 -5.96 -19.22
C TRP C 186 6.33 -6.58 -18.46
N HIS C 187 6.30 -7.91 -18.40
CA HIS C 187 5.43 -8.65 -17.49
C HIS C 187 5.75 -8.34 -16.03
N PHE C 188 7.04 -8.18 -15.72
CA PHE C 188 7.51 -7.87 -14.36
C PHE C 188 7.63 -6.37 -14.10
N ALA C 189 7.59 -5.55 -15.14
CA ALA C 189 7.81 -4.10 -14.99
C ALA C 189 6.90 -3.42 -13.96
N PRO C 190 5.58 -3.75 -13.93
CA PRO C 190 4.73 -3.16 -12.90
C PRO C 190 5.21 -3.50 -11.48
N MET C 191 5.68 -4.73 -11.28
CA MET C 191 6.24 -5.17 -10.00
C MET C 191 7.51 -4.37 -9.66
N VAL C 192 8.39 -4.22 -10.64
CA VAL C 192 9.58 -3.39 -10.43
C VAL C 192 9.19 -1.97 -9.99
N GLN C 193 8.18 -1.40 -10.63
CA GLN C 193 7.69 -0.07 -10.28
C GLN C 193 7.11 -0.03 -8.86
N ARG C 194 6.38 -1.07 -8.47
CA ARG C 194 5.86 -1.14 -7.09
C ARG C 194 6.99 -1.09 -6.08
N MET C 195 8.11 -1.76 -6.38
CA MET C 195 9.26 -1.75 -5.47
C MET C 195 9.88 -0.35 -5.38
N VAL C 196 10.04 0.31 -6.52
CA VAL C 196 10.54 1.69 -6.56
C VAL C 196 9.63 2.64 -5.80
N ASP C 197 8.32 2.50 -5.97
CA ASP C 197 7.36 3.39 -5.30
C ASP C 197 7.31 3.16 -3.79
N LYS C 198 7.38 1.90 -3.40
CA LYS C 198 7.52 1.51 -1.99
C LYS C 198 8.69 2.23 -1.33
N HIS C 199 9.82 2.28 -2.03
CA HIS C 199 11.04 2.85 -1.47
C HIS C 199 11.02 4.37 -1.43
N MET C 200 10.58 4.98 -2.53
CA MET C 200 10.59 6.44 -2.66
C MET C 200 9.51 7.11 -1.82
N GLY C 201 8.42 6.40 -1.55
CA GLY C 201 7.32 6.94 -0.75
C GLY C 201 6.50 7.98 -1.50
N SER D 13 -2.10 -14.79 26.97
CA SER D 13 -2.24 -15.24 25.55
C SER D 13 -0.90 -15.22 24.82
N LYS D 14 -0.82 -15.99 23.73
CA LYS D 14 0.37 -15.99 22.89
C LYS D 14 0.41 -14.69 22.09
N LEU D 15 1.60 -14.12 21.95
CA LEU D 15 1.76 -12.88 21.20
C LEU D 15 1.90 -13.16 19.72
N ASN D 16 1.27 -12.32 18.92
CA ASN D 16 1.31 -12.45 17.48
C ASN D 16 1.06 -11.09 16.82
N ARG D 17 1.17 -11.06 15.50
CA ARG D 17 0.97 -9.82 14.74
C ARG D 17 -0.38 -9.15 15.00
N GLY D 18 -1.37 -9.92 15.45
CA GLY D 18 -2.72 -9.41 15.70
C GLY D 18 -2.95 -8.79 17.07
N ASN D 19 -2.07 -9.08 18.03
CA ASN D 19 -2.23 -8.54 19.39
C ASN D 19 -1.02 -7.83 20.00
N ILE D 20 0.10 -7.79 19.29
CA ILE D 20 1.33 -7.19 19.82
C ILE D 20 1.20 -5.68 20.09
N VAL D 21 0.49 -4.96 19.22
CA VAL D 21 0.32 -3.50 19.37
C VAL D 21 -0.56 -3.19 20.59
N GLU D 22 -1.62 -3.96 20.76
CA GLU D 22 -2.53 -3.81 21.89
C GLU D 22 -1.86 -4.20 23.20
N PHE D 23 -1.00 -5.23 23.14
CA PHE D 23 -0.23 -5.71 24.30
C PHE D 23 0.68 -4.61 24.81
N ILE D 24 1.46 -4.02 23.91
CA ILE D 24 2.33 -2.91 24.30
C ILE D 24 1.50 -1.73 24.78
N GLY D 25 0.40 -1.43 24.10
CA GLY D 25 -0.53 -0.39 24.53
C GLY D 25 -1.06 -0.58 25.94
N GLY D 26 -1.34 -1.84 26.29
CA GLY D 26 -1.77 -2.21 27.64
C GLY D 26 -0.73 -1.84 28.68
N ILE D 27 0.54 -2.06 28.33
CA ILE D 27 1.65 -1.70 29.20
C ILE D 27 1.69 -0.18 29.41
N PHE D 28 1.60 0.59 28.33
CA PHE D 28 1.51 2.04 28.45
C PHE D 28 0.32 2.43 29.34
N ASP D 29 -0.83 1.80 29.13
CA ASP D 29 -2.03 2.10 29.91
C ASP D 29 -1.87 1.78 31.41
N ARG D 30 -1.29 0.62 31.73
CA ARG D 30 -1.18 0.12 33.10
C ARG D 30 0.07 0.61 33.84
N ARG D 31 1.19 0.71 33.12
CA ARG D 31 2.50 0.99 33.72
C ARG D 31 3.04 2.39 33.40
N GLY D 32 2.37 3.10 32.47
CA GLY D 32 2.91 4.33 31.88
C GLY D 32 3.17 5.49 32.82
N ASP D 33 2.34 5.60 33.86
CA ASP D 33 2.48 6.70 34.84
C ASP D 33 3.55 6.45 35.91
N GLU D 34 4.19 5.27 35.88
CA GLU D 34 5.32 5.00 36.77
C GLU D 34 6.54 5.85 36.38
N GLU D 35 7.39 6.13 37.36
CA GLU D 35 8.53 7.03 37.18
C GLU D 35 9.57 6.48 36.20
N TYR D 36 10.08 7.35 35.33
CA TYR D 36 11.25 7.03 34.51
C TYR D 36 12.45 7.23 35.42
N LEU D 37 13.11 6.12 35.77
CA LEU D 37 14.01 6.06 36.92
C LEU D 37 14.93 7.27 37.04
N GLY D 38 14.78 8.01 38.13
CA GLY D 38 15.64 9.17 38.43
C GLY D 38 15.45 10.37 37.52
N GLU D 39 14.29 10.46 36.86
CA GLU D 39 14.02 11.55 35.90
C GLU D 39 12.69 12.24 36.23
N PRO D 40 12.50 13.48 35.74
CA PRO D 40 11.28 14.25 36.05
C PRO D 40 10.08 13.94 35.14
N VAL D 41 10.05 12.73 34.57
CA VAL D 41 8.96 12.29 33.70
C VAL D 41 8.59 10.84 34.01
N THR D 42 7.40 10.43 33.60
CA THR D 42 6.97 9.05 33.71
C THR D 42 7.53 8.23 32.55
N MET D 43 7.38 6.91 32.64
CA MET D 43 7.79 6.02 31.55
C MET D 43 7.09 6.36 30.24
N ALA D 44 5.78 6.55 30.30
CA ALA D 44 4.99 6.89 29.11
C ALA D 44 5.37 8.25 28.56
N GLU D 45 5.43 9.25 29.43
CA GLU D 45 5.81 10.60 29.00
C GLU D 45 7.13 10.56 28.23
N HIS D 46 8.09 9.80 28.75
CA HIS D 46 9.43 9.76 28.18
C HIS D 46 9.45 9.21 26.74
N MET D 47 8.83 8.05 26.55
CA MET D 47 8.80 7.42 25.24
C MET D 47 7.89 8.18 24.27
N LEU D 48 6.79 8.70 24.79
CA LEU D 48 5.87 9.49 23.98
C LEU D 48 6.50 10.79 23.50
N GLN D 49 7.33 11.41 24.35
CA GLN D 49 8.07 12.61 23.96
C GLN D 49 9.03 12.38 22.80
N GLY D 50 9.78 11.28 22.84
CA GLY D 50 10.70 10.96 21.75
C GLY D 50 9.97 10.68 20.45
N ALA D 51 8.87 9.94 20.54
CA ALA D 51 8.05 9.65 19.37
C ALA D 51 7.43 10.93 18.82
N THR D 52 6.95 11.79 19.72
CA THR D 52 6.31 13.05 19.32
C THR D 52 7.30 14.02 18.65
N ILE D 53 8.49 14.16 19.22
CA ILE D 53 9.53 15.00 18.63
C ILE D 53 9.91 14.48 17.24
N ALA D 54 10.07 13.16 17.12
CA ALA D 54 10.39 12.56 15.83
C ALA D 54 9.29 12.85 14.80
N GLU D 55 8.04 12.73 15.23
CA GLU D 55 6.90 12.97 14.35
C GLU D 55 6.88 14.42 13.86
N GLN D 56 7.11 15.37 14.78
CA GLN D 56 7.13 16.79 14.45
C GLN D 56 8.26 17.14 13.47
N ASN D 57 9.42 16.49 13.63
CA ASN D 57 10.57 16.74 12.77
C ASN D 57 10.54 15.99 11.43
N GLY D 58 9.46 15.26 11.15
CA GLY D 58 9.30 14.54 9.89
C GLY D 58 10.17 13.30 9.74
N GLN D 59 10.56 12.68 10.84
CA GLN D 59 11.34 11.45 10.78
C GLN D 59 10.51 10.31 10.22
N PRO D 60 11.15 9.31 9.60
CA PRO D 60 10.39 8.17 9.12
C PRO D 60 9.73 7.42 10.28
N GLU D 61 8.71 6.64 9.95
CA GLU D 61 7.93 5.92 10.96
C GLU D 61 8.78 4.92 11.75
N GLU D 62 9.86 4.41 11.15
CA GLU D 62 10.77 3.48 11.83
C GLU D 62 11.51 4.17 12.99
N ILE D 63 11.82 5.45 12.83
CA ILE D 63 12.49 6.20 13.90
C ILE D 63 11.46 6.62 14.97
N ILE D 64 10.28 7.05 14.53
CA ILE D 64 9.22 7.42 15.47
C ILE D 64 8.88 6.24 16.39
N VAL D 65 8.68 5.07 15.81
CA VAL D 65 8.31 3.88 16.55
C VAL D 65 9.50 3.35 17.36
N GLY D 66 10.71 3.47 16.82
CA GLY D 66 11.91 3.12 17.56
C GLY D 66 12.06 3.90 18.86
N ALA D 67 11.84 5.22 18.77
CA ALA D 67 11.86 6.09 19.94
C ALA D 67 10.71 5.72 20.91
N LEU D 68 9.52 5.49 20.35
CA LEU D 68 8.34 5.13 21.14
C LEU D 68 8.54 3.88 22.01
N LEU D 69 9.30 2.91 21.51
CA LEU D 69 9.41 1.62 22.18
C LEU D 69 10.76 1.35 22.86
N HIS D 70 11.67 2.31 22.85
CA HIS D 70 13.08 1.98 23.15
C HIS D 70 13.35 1.54 24.60
N ASP D 71 12.48 1.93 25.53
CA ASP D 71 12.67 1.56 26.95
C ASP D 71 11.61 0.57 27.47
N ILE D 72 10.88 -0.10 26.59
CA ILE D 72 9.84 -1.01 27.08
C ILE D 72 10.44 -2.19 27.86
N GLY D 73 11.73 -2.46 27.63
CA GLY D 73 12.45 -3.50 28.34
C GLY D 73 12.63 -3.29 29.83
N HIS D 74 12.41 -2.07 30.32
CA HIS D 74 12.38 -1.84 31.78
C HIS D 74 11.25 -2.62 32.46
N PHE D 75 10.15 -2.86 31.75
CA PHE D 75 9.01 -3.58 32.32
C PHE D 75 9.15 -5.09 32.22
N THR D 76 10.21 -5.64 32.80
CA THR D 76 10.55 -7.07 32.62
C THR D 76 9.46 -8.04 33.07
N SER D 77 8.70 -7.69 34.11
CA SER D 77 7.64 -8.57 34.62
C SER D 77 6.47 -8.77 33.64
N GLU D 78 6.46 -7.98 32.56
CA GLU D 78 5.44 -8.09 31.52
C GLU D 78 5.74 -9.18 30.50
N PHE D 79 6.97 -9.67 30.46
CA PHE D 79 7.44 -10.49 29.33
C PHE D 79 7.73 -11.96 29.65
N GLY D 80 6.88 -12.58 30.46
CA GLY D 80 7.02 -14.00 30.76
C GLY D 80 6.93 -14.96 29.58
N MET D 81 6.44 -14.48 28.43
CA MET D 81 6.24 -15.31 27.23
C MET D 81 7.45 -15.40 26.31
N PHE D 82 8.55 -14.73 26.65
CA PHE D 82 9.77 -14.77 25.85
C PHE D 82 10.87 -15.53 26.58
N TYR D 91 19.67 -5.67 31.68
CA TYR D 91 19.92 -5.19 30.32
C TYR D 91 18.60 -4.85 29.62
N HIS D 92 18.01 -3.72 29.99
CA HIS D 92 16.71 -3.31 29.43
C HIS D 92 16.71 -3.16 27.89
N GLU D 93 17.85 -2.79 27.31
CA GLU D 93 17.98 -2.71 25.85
C GLU D 93 17.77 -4.07 25.18
N GLU D 94 18.28 -5.12 25.81
CA GLU D 94 18.14 -6.48 25.28
C GLU D 94 16.75 -7.04 25.55
N ALA D 95 16.21 -6.84 26.76
CA ALA D 95 14.84 -7.26 27.08
C ALA D 95 13.83 -6.66 26.09
N GLY D 96 13.98 -5.37 25.81
CA GLY D 96 13.12 -4.69 24.85
C GLY D 96 13.21 -5.26 23.45
N ALA D 97 14.44 -5.44 22.97
CA ALA D 97 14.67 -5.97 21.64
C ALA D 97 14.09 -7.38 21.46
N GLU D 98 14.20 -8.20 22.49
CA GLU D 98 13.66 -9.57 22.44
C GLU D 98 12.14 -9.57 22.27
N VAL D 99 11.46 -8.58 22.88
CA VAL D 99 10.02 -8.42 22.69
C VAL D 99 9.67 -8.05 21.25
N LEU D 100 10.47 -7.18 20.66
CA LEU D 100 10.19 -6.66 19.33
C LEU D 100 10.69 -7.55 18.17
N GLU D 101 11.74 -8.35 18.38
CA GLU D 101 12.48 -8.91 17.24
C GLU D 101 11.65 -9.76 16.25
N GLN D 102 10.66 -10.49 16.75
CA GLN D 102 9.83 -11.34 15.89
C GLN D 102 8.86 -10.54 15.00
N PHE D 103 8.44 -9.38 15.46
CA PHE D 103 7.30 -8.67 14.87
C PHE D 103 7.66 -7.40 14.10
N PHE D 104 8.82 -6.81 14.37
CA PHE D 104 9.16 -5.50 13.81
C PHE D 104 10.29 -5.52 12.78
N PRO D 105 10.33 -4.55 11.87
CA PRO D 105 11.48 -4.38 10.99
C PRO D 105 12.78 -4.34 11.78
N SER D 106 13.83 -4.97 11.26
CA SER D 106 15.08 -5.08 12.00
C SER D 106 15.66 -3.70 12.37
N VAL D 107 15.43 -2.68 11.55
CA VAL D 107 15.88 -1.33 11.89
C VAL D 107 15.31 -0.88 13.25
N ILE D 108 14.03 -1.16 13.48
CA ILE D 108 13.38 -0.76 14.74
C ILE D 108 13.97 -1.56 15.89
N THR D 109 14.05 -2.88 15.71
CA THR D 109 14.64 -3.74 16.74
C THR D 109 16.07 -3.29 17.09
N ASP D 110 16.84 -2.94 16.05
CA ASP D 110 18.20 -2.40 16.23
C ASP D 110 18.23 -1.10 17.02
N CYS D 111 17.31 -0.19 16.71
CA CYS D 111 17.24 1.08 17.44
C CYS D 111 17.03 0.85 18.93
N VAL D 112 16.28 -0.19 19.29
CA VAL D 112 16.06 -0.53 20.70
C VAL D 112 17.23 -1.31 21.27
N ARG D 113 17.63 -2.38 20.60
CA ARG D 113 18.73 -3.22 21.06
C ARG D 113 20.02 -2.45 21.32
N TYR D 114 20.33 -1.49 20.46
CA TYR D 114 21.62 -0.80 20.50
C TYR D 114 21.56 0.62 21.06
N HIS D 115 20.49 0.97 21.77
CA HIS D 115 20.35 2.34 22.25
C HIS D 115 21.22 2.64 23.46
N VAL D 116 21.63 1.61 24.20
CA VAL D 116 22.59 1.78 25.29
C VAL D 116 23.99 1.92 24.69
N ALA D 117 24.31 1.07 23.72
CA ALA D 117 25.54 1.20 22.95
C ALA D 117 25.68 2.59 22.31
N ALA D 118 24.56 3.11 21.79
CA ALA D 118 24.52 4.46 21.21
C ALA D 118 25.02 5.53 22.20
N LYS D 119 24.60 5.43 23.45
CA LYS D 119 25.08 6.36 24.47
C LYS D 119 26.60 6.23 24.67
N ARG D 120 27.07 4.99 24.73
CA ARG D 120 28.50 4.70 24.90
C ARG D 120 29.30 5.25 23.73
N TYR D 121 28.74 5.07 22.53
CA TYR D 121 29.31 5.59 21.30
C TYR D 121 29.33 7.13 21.23
N LEU D 122 28.22 7.76 21.56
CA LEU D 122 28.15 9.22 21.49
C LEU D 122 29.10 9.89 22.50
N CYS D 123 29.17 9.37 23.71
CA CYS D 123 30.10 9.90 24.71
C CYS D 123 31.56 9.72 24.27
N ALA D 124 31.84 8.64 23.55
CA ALA D 124 33.19 8.39 23.04
C ALA D 124 33.59 9.31 21.88
N THR D 125 32.65 9.58 20.99
CA THR D 125 32.94 10.34 19.76
C THR D 125 32.62 11.85 19.88
N LYS D 126 31.69 12.19 20.77
CA LYS D 126 31.28 13.58 20.99
C LYS D 126 31.23 13.79 22.50
N PRO D 127 32.42 13.94 23.13
CA PRO D 127 32.51 14.00 24.60
C PRO D 127 31.58 15.01 25.31
N GLU D 128 31.20 16.09 24.63
CA GLU D 128 30.23 17.06 25.21
C GLU D 128 28.86 16.43 25.43
N TYR D 129 28.55 15.34 24.71
CA TYR D 129 27.32 14.57 24.94
C TYR D 129 27.15 14.15 26.41
N PHE D 130 28.26 13.98 27.13
CA PHE D 130 28.20 13.68 28.56
C PHE D 130 27.42 14.74 29.35
N ASN D 131 27.64 16.02 29.04
CA ASN D 131 26.95 17.13 29.73
C ASN D 131 25.46 17.14 29.40
N ARG D 132 25.15 16.58 28.24
CA ARG D 132 23.80 16.47 27.74
C ARG D 132 23.02 15.37 28.44
N LEU D 133 23.71 14.35 28.95
CA LEU D 133 23.08 13.28 29.71
C LEU D 133 22.58 13.77 31.06
N SER D 134 21.51 13.14 31.53
CA SER D 134 21.02 13.37 32.88
C SER D 134 21.93 12.65 33.86
N GLU D 135 21.88 13.02 35.14
CA GLU D 135 22.69 12.33 36.14
C GLU D 135 22.31 10.84 36.26
N ALA D 136 21.04 10.52 36.04
CA ALA D 136 20.58 9.12 36.08
C ALA D 136 21.14 8.28 34.93
N SER D 137 21.21 8.85 33.73
CA SER D 137 21.82 8.15 32.59
C SER D 137 23.34 8.09 32.70
N ILE D 138 23.94 9.09 33.35
CA ILE D 138 25.37 9.04 33.69
C ILE D 138 25.64 7.87 34.64
N HIS D 139 24.76 7.70 35.63
CA HIS D 139 24.86 6.59 36.57
C HIS D 139 24.83 5.25 35.83
N SER D 140 23.81 5.03 35.00
CA SER D 140 23.67 3.76 34.28
C SER D 140 24.83 3.54 33.29
N LEU D 141 25.36 4.62 32.72
CA LEU D 141 26.52 4.53 31.82
C LEU D 141 27.71 3.83 32.49
N LYS D 142 27.95 4.14 33.76
CA LYS D 142 29.04 3.54 34.51
C LYS D 142 28.89 2.01 34.52
N LEU D 143 27.71 1.54 34.94
CA LEU D 143 27.43 0.10 35.00
C LEU D 143 27.43 -0.58 33.62
N GLN D 144 27.07 0.18 32.58
CA GLN D 144 27.00 -0.32 31.21
C GLN D 144 28.36 -0.36 30.51
N GLY D 145 29.40 0.14 31.17
CA GLY D 145 30.78 0.02 30.66
C GLY D 145 31.47 1.31 30.24
N GLY D 146 30.86 2.46 30.53
CA GLY D 146 31.46 3.74 30.18
C GLY D 146 31.54 3.99 28.69
N PRO D 147 32.25 5.06 28.29
CA PRO D 147 32.38 5.35 26.86
C PRO D 147 33.09 4.23 26.11
N MET D 148 32.74 4.07 24.84
CA MET D 148 33.43 3.13 23.94
C MET D 148 34.88 3.56 23.71
N ASP D 149 35.75 2.59 23.49
CA ASP D 149 37.11 2.87 23.02
C ASP D 149 37.13 2.82 21.48
N ALA D 150 38.28 3.14 20.88
CA ALA D 150 38.36 3.28 19.42
C ALA D 150 38.01 2.00 18.65
N GLU D 151 38.35 0.85 19.23
CA GLU D 151 38.04 -0.44 18.62
C GLU D 151 36.52 -0.68 18.57
N GLU D 152 35.86 -0.49 19.70
CA GLU D 152 34.41 -0.62 19.79
C GLU D 152 33.68 0.35 18.86
N VAL D 153 34.22 1.56 18.73
CA VAL D 153 33.67 2.58 17.86
C VAL D 153 33.66 2.11 16.41
N ALA D 154 34.79 1.58 15.94
CA ALA D 154 34.90 1.07 14.57
C ALA D 154 33.91 -0.07 14.31
N GLU D 155 33.79 -1.00 15.25
CA GLU D 155 32.87 -2.13 15.12
C GLU D 155 31.41 -1.65 15.09
N PHE D 156 31.08 -0.71 15.95
CA PHE D 156 29.73 -0.14 16.00
C PHE D 156 29.37 0.58 14.70
N GLU D 157 30.38 1.18 14.05
CA GLU D 157 30.14 1.92 12.82
C GLU D 157 29.92 1.03 11.59
N LYS D 158 30.18 -0.27 11.73
CA LYS D 158 29.84 -1.24 10.68
C LYS D 158 28.33 -1.53 10.64
N ASN D 159 27.62 -1.23 11.73
CA ASN D 159 26.18 -1.45 11.80
C ASN D 159 25.45 -0.65 10.70
N PRO D 160 24.70 -1.34 9.84
CA PRO D 160 24.07 -0.64 8.71
C PRO D 160 22.99 0.37 9.11
N ASN D 161 22.45 0.23 10.32
CA ASN D 161 21.44 1.15 10.83
C ASN D 161 21.99 2.17 11.82
N LEU D 162 23.27 2.51 11.67
CA LEU D 162 23.93 3.44 12.59
C LEU D 162 23.19 4.76 12.73
N LYS D 163 22.79 5.37 11.61
CA LYS D 163 22.18 6.69 11.66
C LYS D 163 20.83 6.69 12.37
N GLN D 164 20.01 5.67 12.12
CA GLN D 164 18.74 5.53 12.82
C GLN D 164 18.93 5.29 14.32
N ILE D 165 19.90 4.44 14.66
CA ILE D 165 20.23 4.17 16.06
C ILE D 165 20.62 5.47 16.77
N ILE D 166 21.52 6.23 16.16
CA ILE D 166 21.95 7.50 16.73
C ILE D 166 20.78 8.46 16.85
N ALA D 167 19.95 8.54 15.82
CA ALA D 167 18.79 9.44 15.83
C ALA D 167 17.85 9.15 17.00
N VAL D 168 17.65 7.86 17.30
CA VAL D 168 16.79 7.50 18.42
C VAL D 168 17.41 7.84 19.77
N ARG D 169 18.73 7.67 19.93
CA ARG D 169 19.37 8.09 21.18
C ARG D 169 19.24 9.59 21.42
N TYR D 170 19.32 10.41 20.37
CA TYR D 170 19.06 11.86 20.55
C TYR D 170 17.67 12.10 21.12
N LEU D 171 16.69 11.38 20.59
CA LEU D 171 15.29 11.54 21.02
C LEU D 171 15.10 11.07 22.45
N ASP D 172 15.87 10.05 22.82
CA ASP D 172 15.95 9.55 24.19
C ASP D 172 16.42 10.68 25.13
N GLU D 173 17.54 11.30 24.81
CA GLU D 173 18.00 12.45 25.61
C GLU D 173 17.00 13.61 25.62
N ALA D 174 16.30 13.83 24.51
CA ALA D 174 15.37 14.98 24.39
C ALA D 174 14.02 14.75 25.09
N GLY D 175 13.66 13.50 25.32
CA GLY D 175 12.34 13.19 25.91
C GLY D 175 12.30 13.18 27.42
N LYS D 176 12.82 14.23 28.06
CA LYS D 176 12.84 14.30 29.52
C LYS D 176 12.40 15.67 30.06
N ARG D 177 11.47 16.31 29.36
CA ARG D 177 10.98 17.63 29.77
C ARG D 177 9.69 17.47 30.57
N ALA D 178 9.68 18.04 31.78
CA ALA D 178 8.65 17.77 32.77
C ALA D 178 7.28 18.36 32.42
N ASP D 179 7.27 19.45 31.66
CA ASP D 179 6.03 20.18 31.38
C ASP D 179 5.44 19.87 30.00
N MET D 180 6.23 19.28 29.11
CA MET D 180 5.81 19.01 27.72
C MET D 180 4.58 18.11 27.66
N GLU D 181 3.70 18.38 26.71
CA GLU D 181 2.47 17.60 26.50
C GLU D 181 2.56 16.87 25.16
N THR D 182 1.95 15.68 25.09
CA THR D 182 2.01 14.84 23.89
C THR D 182 0.71 14.08 23.63
N PRO D 183 0.56 13.52 22.42
CA PRO D 183 -0.45 12.49 22.18
C PRO D 183 -0.18 11.23 23.01
N ASP D 184 -1.20 10.40 23.26
CA ASP D 184 -0.99 9.17 24.02
C ASP D 184 -0.54 8.05 23.08
N TYR D 185 -0.29 6.86 23.64
CA TYR D 185 0.21 5.74 22.84
C TYR D 185 -0.70 5.41 21.67
N TRP D 186 -2.00 5.50 21.90
CA TRP D 186 -2.98 5.04 20.93
C TRP D 186 -3.08 5.94 19.69
N HIS D 187 -2.56 7.17 19.80
CA HIS D 187 -2.33 8.05 18.65
C HIS D 187 -1.29 7.44 17.70
N PHE D 188 -0.25 6.81 18.26
CA PHE D 188 0.81 6.18 17.48
C PHE D 188 0.53 4.72 17.13
N ALA D 189 -0.46 4.11 17.77
CA ALA D 189 -0.71 2.67 17.62
C ALA D 189 -0.94 2.22 16.16
N PRO D 190 -1.70 2.99 15.36
CA PRO D 190 -1.81 2.59 13.95
C PRO D 190 -0.46 2.54 13.24
N MET D 191 0.42 3.49 13.54
CA MET D 191 1.78 3.48 12.98
C MET D 191 2.55 2.24 13.41
N VAL D 192 2.46 1.92 14.70
CA VAL D 192 3.11 0.70 15.22
C VAL D 192 2.62 -0.52 14.43
N GLN D 193 1.31 -0.59 14.20
CA GLN D 193 0.72 -1.71 13.44
C GLN D 193 1.21 -1.73 11.99
N ARG D 194 1.38 -0.55 11.38
CA ARG D 194 1.92 -0.49 10.02
C ARG D 194 3.33 -1.10 9.97
N MET D 195 4.12 -0.84 11.00
CA MET D 195 5.48 -1.38 11.06
C MET D 195 5.47 -2.89 11.21
N VAL D 196 4.60 -3.39 12.09
CA VAL D 196 4.43 -4.82 12.27
C VAL D 196 3.97 -5.49 10.97
N ASP D 197 3.02 -4.88 10.28
CA ASP D 197 2.47 -5.48 9.05
C ASP D 197 3.47 -5.48 7.91
N LYS D 198 4.27 -4.42 7.84
CA LYS D 198 5.37 -4.35 6.88
C LYS D 198 6.32 -5.54 7.07
N HIS D 199 6.65 -5.86 8.32
CA HIS D 199 7.62 -6.91 8.62
C HIS D 199 7.05 -8.29 8.36
N MET D 200 5.80 -8.50 8.78
CA MET D 200 5.18 -9.81 8.66
C MET D 200 4.71 -10.12 7.24
N GLY D 201 4.45 -9.09 6.45
CA GLY D 201 3.94 -9.29 5.08
C GLY D 201 2.47 -9.69 5.09
#